data_8ECV
#
_entry.id   8ECV
#
_cell.length_a   42.366
_cell.length_b   73.735
_cell.length_c   142.831
_cell.angle_alpha   90.000
_cell.angle_beta   91.964
_cell.angle_gamma   90.000
#
_symmetry.space_group_name_H-M   'P 1 21 1'
#
loop_
_entity.id
_entity.type
_entity.pdbx_description
1 polymer '2F12 Fab Light chain'
2 polymer '2F12 Fab Heavy chain'
3 water water
#
loop_
_entity_poly.entity_id
_entity_poly.type
_entity_poly.pdbx_seq_one_letter_code
_entity_poly.pdbx_strand_id
1 'polypeptide(L)'
;QAVLNQPSSVSGSLGQRVSITCSGSSSNVGNGYVSWYQLIPGSAPRTLIYGDTSRASGVPDRFSGSRSGNTATLTISSLQ
AEDEADYFCASAEDSSSNAVFGSGTTLTVLGQPKAAPSVTLFPPSSEELQANKATLVCLISDFYPGAVTVAWKADSSPVK
AGVETTTPSKQSNNKYAASSYLSLTPEQWKSHRSYSCQVTHEGSTVEKTVAPTECS
;
L,A
2 'polypeptide(L)'
;(PCA)VQLRESGPSLVKPSQTLSLTCTVSGFSLSDKAVGWVRRAPGKALEWLGSIDTGGMTGYNPGLKSRLSITKDNSKS
QVSLSVNSVTTEDSATYYCATVDQKTKNACPDDFDYRCSCIGGCGCARKGCVGPLCCRSDLGGYLTDSPAYIYEWYIDLW
GQGLLVTVSSASTKGPSVFPLAPSSKSTSGGTAALGCLVKDYFPEPVTVSWNSGALTSGVHTFPAVLQSSGLYSLSSVVT
VPSSSLGTQTYICNVNHKPSNTKVDKKVEPKSC
;
H,B
#
# COMPACT_ATOMS: atom_id res chain seq x y z
N VAL A 3 -11.74 7.76 7.57
CA VAL A 3 -12.86 7.81 8.49
C VAL A 3 -12.41 7.33 9.85
N LEU A 4 -12.73 8.09 10.91
CA LEU A 4 -12.35 7.69 12.25
C LEU A 4 -13.22 6.52 12.71
N ASN A 5 -12.66 5.68 13.57
CA ASN A 5 -13.30 4.44 13.99
C ASN A 5 -14.11 4.67 15.26
N GLN A 6 -15.44 4.48 15.16
CA GLN A 6 -16.33 4.50 16.29
C GLN A 6 -17.07 3.16 16.34
N PRO A 7 -17.49 2.70 17.53
CA PRO A 7 -18.38 1.53 17.58
C PRO A 7 -19.73 1.88 16.95
N SER A 8 -20.29 0.91 16.23
CA SER A 8 -21.56 1.15 15.54
C SER A 8 -22.68 1.44 16.54
N SER A 9 -22.64 0.80 17.71
CA SER A 9 -23.72 0.89 18.66
C SER A 9 -23.17 0.86 20.07
N VAL A 10 -23.84 1.57 20.97
CA VAL A 10 -23.59 1.52 22.40
C VAL A 10 -24.93 1.59 23.12
N SER A 11 -25.00 0.98 24.30
CA SER A 11 -26.22 0.94 25.07
C SER A 11 -25.93 1.31 26.52
N GLY A 12 -26.89 1.98 27.14
CA GLY A 12 -26.78 2.34 28.54
C GLY A 12 -28.15 2.44 29.18
N SER A 13 -28.15 2.42 30.50
CA SER A 13 -29.39 2.45 31.27
C SER A 13 -29.67 3.85 31.78
N LEU A 14 -30.96 4.13 31.98
CA LEU A 14 -31.38 5.43 32.49
C LEU A 14 -30.61 5.80 33.76
N GLY A 15 -30.09 7.03 33.77
CA GLY A 15 -29.37 7.55 34.89
C GLY A 15 -27.95 7.04 35.02
N GLN A 16 -27.53 6.11 34.16
CA GLN A 16 -26.19 5.54 34.23
C GLN A 16 -25.25 6.33 33.33
N ARG A 17 -24.07 5.77 33.06
CA ARG A 17 -23.02 6.41 32.28
C ARG A 17 -22.59 5.50 31.13
N VAL A 18 -22.41 6.11 29.95
CA VAL A 18 -21.85 5.40 28.81
C VAL A 18 -20.68 6.21 28.25
N SER A 19 -19.83 5.52 27.49
CA SER A 19 -18.69 6.12 26.82
C SER A 19 -18.66 5.67 25.38
N ILE A 20 -18.28 6.58 24.48
CA ILE A 20 -18.18 6.32 23.05
C ILE A 20 -16.77 6.69 22.63
N THR A 21 -16.08 5.74 21.98
CA THR A 21 -14.69 5.96 21.60
C THR A 21 -14.56 6.33 20.14
N CYS A 22 -13.44 6.98 19.84
CA CYS A 22 -13.19 7.53 18.50
C CYS A 22 -11.69 7.40 18.23
N SER A 23 -11.32 6.47 17.36
CA SER A 23 -9.93 6.11 17.14
C SER A 23 -9.47 6.60 15.77
N GLY A 24 -8.36 7.32 15.76
CA GLY A 24 -7.75 7.82 14.54
C GLY A 24 -6.26 7.55 14.55
N SER A 25 -5.51 8.52 14.02
CA SER A 25 -4.06 8.40 13.91
C SER A 25 -3.43 9.73 14.31
N SER A 26 -2.10 9.78 14.22
CA SER A 26 -1.38 11.00 14.55
C SER A 26 -1.68 12.13 13.59
N SER A 27 -2.24 11.83 12.41
CA SER A 27 -2.57 12.89 11.47
C SER A 27 -3.94 13.52 11.73
N ASN A 28 -4.74 12.97 12.67
CA ASN A 28 -5.99 13.62 13.03
C ASN A 28 -6.19 13.63 14.54
N VAL A 29 -6.73 12.54 15.10
CA VAL A 29 -7.04 12.51 16.52
C VAL A 29 -5.80 12.78 17.37
N GLY A 30 -4.66 12.21 16.97
CA GLY A 30 -3.44 12.39 17.75
C GLY A 30 -3.00 13.82 17.89
N ASN A 31 -3.42 14.70 16.97
CA ASN A 31 -3.16 16.12 17.06
C ASN A 31 -4.05 16.84 18.06
N GLY A 32 -5.04 16.16 18.63
CA GLY A 32 -5.97 16.82 19.51
C GLY A 32 -7.05 17.58 18.74
N TYR A 33 -7.79 18.40 19.49
CA TYR A 33 -8.86 19.23 18.94
C TYR A 33 -9.92 18.36 18.26
N VAL A 34 -10.33 17.32 18.95
CA VAL A 34 -11.45 16.49 18.51
C VAL A 34 -12.75 17.18 18.91
N SER A 35 -13.76 17.07 18.06
CA SER A 35 -15.10 17.58 18.34
C SER A 35 -16.11 16.45 18.29
N TRP A 36 -17.27 16.70 18.91
CA TRP A 36 -18.33 15.71 19.00
C TRP A 36 -19.67 16.35 18.68
N TYR A 37 -20.53 15.58 18.03
CA TYR A 37 -21.79 16.07 17.51
C TYR A 37 -22.90 15.07 17.78
N GLN A 38 -24.07 15.60 18.10
CA GLN A 38 -25.27 14.82 18.39
C GLN A 38 -26.28 15.04 17.26
N LEU A 39 -26.69 13.95 16.64
CA LEU A 39 -27.63 13.99 15.50
C LEU A 39 -28.90 13.23 15.86
N ILE A 40 -29.95 13.99 16.12
CA ILE A 40 -31.26 13.45 16.47
C ILE A 40 -32.19 13.70 15.28
N PRO A 41 -32.78 12.65 14.69
CA PRO A 41 -33.68 12.88 13.55
C PRO A 41 -34.75 13.91 13.86
N GLY A 42 -34.92 14.88 12.95
CA GLY A 42 -35.89 15.92 13.10
C GLY A 42 -35.36 17.20 13.71
N SER A 43 -34.08 17.26 14.02
CA SER A 43 -33.46 18.42 14.63
C SER A 43 -32.14 18.69 13.92
N ALA A 44 -31.72 19.96 13.94
CA ALA A 44 -30.42 20.29 13.40
C ALA A 44 -29.35 19.55 14.18
N PRO A 45 -28.26 19.14 13.53
CA PRO A 45 -27.14 18.57 14.29
C PRO A 45 -26.70 19.54 15.37
N ARG A 46 -26.19 18.99 16.46
CA ARG A 46 -25.87 19.77 17.66
C ARG A 46 -24.43 19.51 18.06
N THR A 47 -23.64 20.58 18.14
CA THR A 47 -22.26 20.44 18.62
C THR A 47 -22.26 20.29 20.14
N LEU A 48 -21.60 19.25 20.62
CA LEU A 48 -21.44 19.00 22.06
C LEU A 48 -20.09 19.44 22.62
N ILE A 49 -19.01 19.01 21.97
CA ILE A 49 -17.66 19.13 22.49
C ILE A 49 -16.74 19.63 21.39
N TYR A 50 -15.83 20.53 21.74
CA TYR A 50 -14.74 20.90 20.83
C TYR A 50 -13.45 20.97 21.65
N GLY A 51 -12.32 20.98 20.96
CA GLY A 51 -11.04 21.05 21.62
C GLY A 51 -10.81 19.92 22.60
N ASP A 52 -11.25 18.71 22.25
CA ASP A 52 -11.13 17.52 23.09
C ASP A 52 -12.08 17.56 24.29
N THR A 53 -12.11 18.68 25.02
CA THR A 53 -12.68 18.70 26.36
C THR A 53 -13.68 19.82 26.62
N SER A 54 -13.81 20.80 25.73
CA SER A 54 -14.61 21.98 26.01
C SER A 54 -16.05 21.74 25.56
N ARG A 55 -16.99 22.07 26.46
CA ARG A 55 -18.41 21.93 26.15
C ARG A 55 -18.91 23.17 25.40
N ALA A 56 -19.66 22.93 24.33
CA ALA A 56 -20.26 24.02 23.59
C ALA A 56 -21.35 24.71 24.39
N SER A 57 -21.78 25.86 23.90
CA SER A 57 -22.81 26.63 24.57
C SER A 57 -24.10 25.82 24.70
N GLY A 58 -24.68 25.83 25.90
CA GLY A 58 -25.91 25.13 26.16
C GLY A 58 -25.77 23.67 26.50
N VAL A 59 -24.55 23.14 26.52
CA VAL A 59 -24.32 21.71 26.73
C VAL A 59 -24.08 21.50 28.23
N PRO A 60 -24.81 20.62 28.88
CA PRO A 60 -24.62 20.42 30.33
C PRO A 60 -23.41 19.57 30.63
N ASP A 61 -22.95 19.69 31.88
CA ASP A 61 -21.69 19.07 32.28
C ASP A 61 -21.72 17.55 32.28
N ARG A 62 -22.90 16.92 32.19
CA ARG A 62 -22.92 15.47 32.07
C ARG A 62 -22.34 14.99 30.75
N PHE A 63 -22.24 15.86 29.75
CA PHE A 63 -21.48 15.58 28.55
C PHE A 63 -20.02 16.00 28.81
N SER A 64 -19.10 15.06 28.65
CA SER A 64 -17.68 15.35 28.83
C SER A 64 -16.89 14.63 27.74
N GLY A 65 -15.78 15.23 27.35
CA GLY A 65 -14.88 14.65 26.38
C GLY A 65 -13.48 14.50 26.95
N SER A 66 -12.75 13.52 26.43
CA SER A 66 -11.38 13.27 26.85
C SER A 66 -10.63 12.66 25.69
N ARG A 67 -9.30 12.63 25.79
CA ARG A 67 -8.49 12.00 24.77
C ARG A 67 -7.24 11.41 25.40
N SER A 68 -6.79 10.29 24.84
CA SER A 68 -5.52 9.67 25.17
C SER A 68 -4.87 9.22 23.87
N GLY A 69 -3.85 9.94 23.44
CA GLY A 69 -3.17 9.56 22.21
C GLY A 69 -4.09 9.65 21.00
N ASN A 70 -4.18 8.56 20.26
CA ASN A 70 -4.97 8.52 19.04
C ASN A 70 -6.43 8.13 19.28
N THR A 71 -6.86 8.06 20.53
CA THR A 71 -8.25 7.68 20.83
C THR A 71 -8.93 8.73 21.69
N ALA A 72 -10.10 9.21 21.25
CA ALA A 72 -10.87 10.19 21.97
C ALA A 72 -12.16 9.55 22.46
N THR A 73 -12.69 10.05 23.55
CA THR A 73 -13.88 9.47 24.18
C THR A 73 -14.89 10.54 24.58
N LEU A 74 -16.14 10.29 24.24
CA LEU A 74 -17.27 11.06 24.77
C LEU A 74 -17.91 10.25 25.89
N THR A 75 -18.19 10.91 27.01
CA THR A 75 -18.85 10.29 28.16
C THR A 75 -20.13 11.02 28.45
N ILE A 76 -21.21 10.27 28.61
CA ILE A 76 -22.52 10.83 28.91
C ILE A 76 -22.96 10.21 30.23
N SER A 77 -23.25 11.04 31.21
CA SER A 77 -23.73 10.58 32.51
C SER A 77 -25.19 11.00 32.69
N SER A 78 -25.81 10.45 33.73
CA SER A 78 -27.23 10.69 33.99
C SER A 78 -28.03 10.56 32.70
N LEU A 79 -27.87 9.40 32.04
CA LEU A 79 -28.46 9.17 30.74
C LEU A 79 -29.97 9.34 30.78
N GLN A 80 -30.48 10.13 29.84
CA GLN A 80 -31.91 10.30 29.62
C GLN A 80 -32.30 9.62 28.33
N ALA A 81 -33.61 9.38 28.17
CA ALA A 81 -34.10 8.89 26.89
C ALA A 81 -33.88 9.90 25.78
N GLU A 82 -33.87 11.18 26.11
CA GLU A 82 -33.63 12.23 25.11
C GLU A 82 -32.22 12.12 24.50
N ASP A 83 -31.29 11.43 25.16
CA ASP A 83 -29.94 11.28 24.67
C ASP A 83 -29.82 10.28 23.51
N GLU A 84 -30.84 9.47 23.27
CA GLU A 84 -30.79 8.55 22.15
C GLU A 84 -30.57 9.32 20.84
N ALA A 85 -29.51 8.99 20.13
CA ALA A 85 -29.11 9.75 18.96
C ALA A 85 -27.94 9.03 18.29
N ASP A 86 -27.48 9.62 17.18
CA ASP A 86 -26.27 9.19 16.51
C ASP A 86 -25.18 10.19 16.85
N TYR A 87 -24.07 9.69 17.40
CA TYR A 87 -22.97 10.53 17.87
C TYR A 87 -21.78 10.36 16.95
N PHE A 88 -21.22 11.50 16.49
CA PHE A 88 -20.10 11.51 15.55
C PHE A 88 -18.96 12.33 16.14
N CYS A 89 -17.75 11.79 16.08
CA CYS A 89 -16.55 12.55 16.34
C CYS A 89 -15.97 13.09 15.04
N ALA A 90 -15.09 14.07 15.18
CA ALA A 90 -14.46 14.66 14.00
C ALA A 90 -13.14 15.27 14.43
N SER A 91 -12.25 15.39 13.45
CA SER A 91 -11.00 16.14 13.62
C SER A 91 -10.61 16.73 12.26
N ALA A 92 -9.80 17.78 12.30
CA ALA A 92 -9.10 18.22 11.09
C ALA A 92 -8.04 17.19 10.71
N GLU A 93 -7.69 17.17 9.43
CA GLU A 93 -6.76 16.18 8.88
C GLU A 93 -5.42 16.84 8.59
N ASP A 94 -4.33 16.16 8.99
CA ASP A 94 -2.96 16.62 8.71
C ASP A 94 -2.79 18.07 9.15
N SER A 95 -2.62 18.98 8.20
CA SER A 95 -2.39 20.40 8.48
C SER A 95 -3.39 21.27 7.74
N SER A 96 -4.55 20.70 7.44
CA SER A 96 -5.55 21.34 6.60
C SER A 96 -6.76 21.73 7.43
N SER A 97 -7.61 22.55 6.82
CA SER A 97 -8.91 22.90 7.37
C SER A 97 -9.98 21.86 7.03
N ASN A 98 -9.62 20.82 6.28
CA ASN A 98 -10.56 19.77 5.92
C ASN A 98 -10.77 18.81 7.09
N ALA A 99 -12.01 18.42 7.31
CA ALA A 99 -12.36 17.59 8.45
C ALA A 99 -12.59 16.15 8.02
N VAL A 100 -12.35 15.24 8.95
CA VAL A 100 -12.69 13.83 8.80
C VAL A 100 -13.63 13.46 9.94
N PHE A 101 -14.72 12.79 9.62
CA PHE A 101 -15.71 12.42 10.62
C PHE A 101 -15.56 10.96 11.00
N GLY A 102 -16.10 10.63 12.15
CA GLY A 102 -16.16 9.24 12.57
C GLY A 102 -17.25 8.46 11.83
N SER A 103 -17.22 7.13 12.03
CA SER A 103 -18.23 6.28 11.40
C SER A 103 -19.60 6.44 12.05
N GLY A 104 -19.66 6.98 13.26
CA GLY A 104 -20.93 7.21 13.92
C GLY A 104 -21.30 6.12 14.90
N THR A 105 -21.91 6.49 16.03
CA THR A 105 -22.35 5.56 17.05
C THR A 105 -23.81 5.83 17.39
N THR A 106 -24.64 4.79 17.29
CA THR A 106 -26.04 4.88 17.66
C THR A 106 -26.20 4.52 19.14
N LEU A 107 -26.70 5.44 19.93
CA LEU A 107 -26.89 5.25 21.37
C LEU A 107 -28.34 4.83 21.63
N THR A 108 -28.50 3.63 22.19
CA THR A 108 -29.78 3.14 22.66
C THR A 108 -29.79 3.20 24.17
N VAL A 109 -30.85 3.74 24.74
CA VAL A 109 -31.00 3.89 26.18
C VAL A 109 -32.06 2.89 26.65
N LEU A 110 -31.63 1.90 27.42
CA LEU A 110 -32.52 0.85 27.92
C LEU A 110 -33.02 1.20 29.33
N GLY A 111 -34.05 0.47 29.74
CA GLY A 111 -34.71 0.75 31.00
C GLY A 111 -35.93 1.62 30.91
N GLN A 112 -36.44 1.88 29.70
CA GLN A 112 -37.63 2.72 29.57
C GLN A 112 -38.89 1.90 29.79
N PRO A 113 -39.95 2.53 30.32
CA PRO A 113 -41.18 1.78 30.59
C PRO A 113 -41.86 1.34 29.31
N LYS A 114 -42.38 0.11 29.31
CA LYS A 114 -43.18 -0.37 28.20
C LYS A 114 -44.48 0.44 28.11
N ALA A 115 -44.99 0.58 26.88
CA ALA A 115 -46.18 1.40 26.64
C ALA A 115 -47.02 0.73 25.55
N ALA A 116 -48.32 0.67 25.78
CA ALA A 116 -49.25 0.06 24.83
C ALA A 116 -49.61 1.07 23.73
N PRO A 117 -49.84 0.58 22.50
CA PRO A 117 -50.12 1.49 21.40
C PRO A 117 -51.52 2.09 21.46
N SER A 118 -51.60 3.38 21.13
CA SER A 118 -52.88 4.01 20.81
C SER A 118 -53.12 3.82 19.32
N VAL A 119 -54.32 3.37 18.97
CA VAL A 119 -54.65 2.98 17.60
C VAL A 119 -55.84 3.79 17.14
N THR A 120 -55.72 4.41 15.97
CA THR A 120 -56.82 5.14 15.35
C THR A 120 -56.97 4.62 13.93
N LEU A 121 -58.20 4.29 13.54
CA LEU A 121 -58.51 3.76 12.23
C LEU A 121 -59.49 4.71 11.54
N PHE A 122 -59.10 5.18 10.35
CA PHE A 122 -59.91 6.10 9.56
C PHE A 122 -60.47 5.39 8.34
N PRO A 123 -61.76 5.57 8.05
CA PRO A 123 -62.30 5.03 6.80
C PRO A 123 -61.92 5.92 5.63
N PRO A 124 -62.21 5.49 4.41
CA PRO A 124 -61.94 6.36 3.25
C PRO A 124 -62.78 7.61 3.33
N SER A 125 -62.18 8.74 2.95
CA SER A 125 -62.92 9.99 2.92
C SER A 125 -63.83 10.03 1.70
N SER A 126 -64.93 10.77 1.84
CA SER A 126 -65.83 11.00 0.70
C SER A 126 -65.04 11.55 -0.49
N GLU A 127 -64.12 12.49 -0.23
CA GLU A 127 -63.35 13.08 -1.30
C GLU A 127 -62.52 12.04 -2.05
N GLU A 128 -61.97 11.05 -1.34
CA GLU A 128 -61.19 10.03 -2.01
C GLU A 128 -62.10 9.11 -2.82
N LEU A 129 -63.26 8.74 -2.28
CA LEU A 129 -64.19 7.91 -3.03
C LEU A 129 -64.64 8.60 -4.31
N GLN A 130 -64.79 9.92 -4.28
CA GLN A 130 -65.15 10.68 -5.48
C GLN A 130 -64.04 10.65 -6.52
N ALA A 131 -62.80 10.31 -6.11
CA ALA A 131 -61.71 10.05 -7.03
C ALA A 131 -61.59 8.56 -7.38
N ASN A 132 -62.61 7.77 -7.05
CA ASN A 132 -62.67 6.36 -7.39
C ASN A 132 -61.56 5.56 -6.71
N LYS A 133 -61.23 5.94 -5.46
CA LYS A 133 -60.22 5.24 -4.69
C LYS A 133 -60.72 5.10 -3.26
N ALA A 134 -60.10 4.18 -2.52
CA ALA A 134 -60.46 3.96 -1.13
C ALA A 134 -59.24 3.50 -0.36
N THR A 135 -58.95 4.17 0.76
CA THR A 135 -57.82 3.81 1.60
C THR A 135 -58.28 3.81 3.05
N LEU A 136 -57.99 2.72 3.75
CA LEU A 136 -58.12 2.65 5.19
C LEU A 136 -56.78 3.00 5.82
N VAL A 137 -56.81 3.84 6.84
CA VAL A 137 -55.59 4.37 7.48
C VAL A 137 -55.60 3.95 8.94
N CYS A 138 -54.65 3.11 9.32
CA CYS A 138 -54.51 2.63 10.69
C CYS A 138 -53.25 3.29 11.26
N LEU A 139 -53.43 4.16 12.24
CA LEU A 139 -52.36 4.96 12.84
C LEU A 139 -52.08 4.45 14.24
N ILE A 140 -50.81 4.16 14.52
CA ILE A 140 -50.38 3.42 15.71
C ILE A 140 -49.28 4.25 16.36
N SER A 141 -49.50 4.65 17.60
CA SER A 141 -48.64 5.64 18.25
C SER A 141 -48.37 5.24 19.70
N ASP A 142 -47.29 5.83 20.24
CA ASP A 142 -47.03 5.88 21.68
C ASP A 142 -46.85 4.49 22.30
N PHE A 143 -46.14 3.61 21.60
CA PHE A 143 -45.84 2.29 22.12
C PHE A 143 -44.33 2.10 22.28
N TYR A 144 -43.97 1.25 23.25
CA TYR A 144 -42.57 0.90 23.54
C TYR A 144 -42.59 -0.51 24.11
N PRO A 145 -41.69 -1.40 23.67
CA PRO A 145 -40.62 -1.21 22.69
C PRO A 145 -41.14 -1.02 21.27
N GLY A 146 -40.24 -0.79 20.32
CA GLY A 146 -40.63 -0.41 18.98
C GLY A 146 -40.88 -1.57 18.03
N ALA A 147 -41.70 -2.51 18.46
CA ALA A 147 -42.08 -3.65 17.64
C ALA A 147 -43.60 -3.80 17.70
N VAL A 148 -44.23 -3.86 16.53
CA VAL A 148 -45.65 -4.19 16.42
C VAL A 148 -45.84 -5.04 15.17
N THR A 149 -46.95 -5.79 15.15
CA THR A 149 -47.41 -6.48 13.95
C THR A 149 -48.85 -6.06 13.69
N VAL A 150 -49.20 -5.93 12.42
CA VAL A 150 -50.49 -5.40 12.02
C VAL A 150 -51.19 -6.43 11.14
N ALA A 151 -52.48 -6.63 11.40
CA ALA A 151 -53.29 -7.53 10.59
C ALA A 151 -54.62 -6.84 10.29
N TRP A 152 -55.17 -7.16 9.12
CA TRP A 152 -56.39 -6.55 8.63
C TRP A 152 -57.44 -7.62 8.40
N LYS A 153 -58.68 -7.29 8.69
CA LYS A 153 -59.82 -8.17 8.48
C LYS A 153 -60.91 -7.44 7.71
N ALA A 154 -61.52 -8.12 6.74
CA ALA A 154 -62.77 -7.69 6.12
C ALA A 154 -63.87 -8.55 6.72
N ASP A 155 -64.81 -7.91 7.40
CA ASP A 155 -65.75 -8.66 8.23
C ASP A 155 -64.95 -9.50 9.23
N SER A 156 -64.94 -10.82 9.04
CA SER A 156 -64.19 -11.72 9.88
C SER A 156 -62.99 -12.34 9.19
N SER A 157 -62.84 -12.15 7.88
CA SER A 157 -61.82 -12.89 7.13
C SER A 157 -60.54 -12.07 6.99
N PRO A 158 -59.38 -12.71 7.11
CA PRO A 158 -58.13 -11.97 6.93
C PRO A 158 -58.03 -11.34 5.55
N VAL A 159 -57.37 -10.19 5.50
CA VAL A 159 -57.07 -9.49 4.25
C VAL A 159 -55.56 -9.31 4.19
N LYS A 160 -54.94 -9.76 3.11
CA LYS A 160 -53.49 -9.64 2.95
C LYS A 160 -53.07 -8.79 1.75
N ALA A 161 -53.83 -8.81 0.66
CA ALA A 161 -53.50 -7.97 -0.48
C ALA A 161 -53.82 -6.50 -0.18
N GLY A 162 -53.05 -5.61 -0.80
CA GLY A 162 -53.28 -4.19 -0.66
C GLY A 162 -52.85 -3.59 0.65
N VAL A 163 -52.01 -4.27 1.41
CA VAL A 163 -51.56 -3.82 2.72
C VAL A 163 -50.12 -3.35 2.60
N GLU A 164 -49.85 -2.12 3.06
CA GLU A 164 -48.50 -1.61 3.19
C GLU A 164 -48.34 -1.02 4.59
N THR A 165 -47.30 -1.45 5.30
CA THR A 165 -47.08 -1.07 6.69
C THR A 165 -45.67 -0.51 6.83
N THR A 166 -45.55 0.61 7.55
CA THR A 166 -44.25 1.24 7.73
C THR A 166 -43.46 0.51 8.81
N THR A 167 -42.15 0.70 8.82
CA THR A 167 -41.35 0.25 9.94
C THR A 167 -41.48 1.23 11.09
N PRO A 168 -41.41 0.76 12.33
CA PRO A 168 -41.58 1.68 13.47
C PRO A 168 -40.44 2.68 13.55
N SER A 169 -40.79 3.91 13.93
CA SER A 169 -39.81 4.96 14.14
C SER A 169 -40.15 5.71 15.40
N LYS A 170 -39.12 6.25 16.06
CA LYS A 170 -39.31 6.92 17.34
C LYS A 170 -39.93 8.29 17.18
N GLN A 171 -40.82 8.63 18.11
CA GLN A 171 -41.47 9.93 18.13
C GLN A 171 -40.61 10.93 18.90
N SER A 172 -41.13 12.14 19.08
CA SER A 172 -40.43 13.16 19.85
C SER A 172 -40.53 12.93 21.35
N ASN A 173 -41.50 12.14 21.80
CA ASN A 173 -41.64 11.78 23.20
C ASN A 173 -40.94 10.46 23.53
N ASN A 174 -40.20 9.90 22.59
CA ASN A 174 -39.33 8.75 22.72
C ASN A 174 -40.06 7.40 22.73
N LYS A 175 -41.36 7.38 22.45
CA LYS A 175 -42.04 6.16 22.12
C LYS A 175 -41.98 5.96 20.60
N TYR A 176 -42.71 4.98 20.07
CA TYR A 176 -42.63 4.64 18.66
C TYR A 176 -43.97 4.83 17.98
N ALA A 177 -43.91 5.02 16.66
CA ALA A 177 -45.11 5.20 15.83
C ALA A 177 -44.99 4.35 14.58
N ALA A 178 -46.15 3.96 14.04
CA ALA A 178 -46.20 3.22 12.81
C ALA A 178 -47.57 3.48 12.18
N SER A 179 -47.66 3.18 10.90
CA SER A 179 -48.92 3.29 10.19
C SER A 179 -49.06 2.14 9.21
N SER A 180 -50.32 1.77 8.94
CA SER A 180 -50.64 0.72 7.99
C SER A 180 -51.75 1.23 7.10
N TYR A 181 -51.66 0.92 5.81
CA TYR A 181 -52.62 1.38 4.81
C TYR A 181 -53.17 0.17 4.08
N LEU A 182 -54.50 0.10 3.98
CA LEU A 182 -55.19 -0.94 3.23
C LEU A 182 -55.85 -0.28 2.04
N SER A 183 -55.38 -0.60 0.84
CA SER A 183 -55.98 -0.08 -0.38
C SER A 183 -57.11 -1.01 -0.82
N LEU A 184 -58.28 -0.43 -1.07
CA LEU A 184 -59.46 -1.16 -1.50
C LEU A 184 -60.04 -0.48 -2.74
N THR A 185 -60.99 -1.17 -3.41
CA THR A 185 -61.82 -0.44 -4.36
C THR A 185 -63.04 0.14 -3.64
N PRO A 186 -63.59 1.24 -4.14
CA PRO A 186 -64.82 1.78 -3.52
C PRO A 186 -65.91 0.75 -3.34
N GLU A 187 -66.02 -0.23 -4.24
CA GLU A 187 -67.08 -1.23 -4.07
C GLU A 187 -66.75 -2.21 -2.96
N GLN A 188 -65.48 -2.65 -2.88
CA GLN A 188 -65.07 -3.51 -1.76
C GLN A 188 -65.38 -2.84 -0.43
N TRP A 189 -65.01 -1.57 -0.29
CA TRP A 189 -65.34 -0.81 0.91
C TRP A 189 -66.82 -0.92 1.24
N LYS A 190 -67.67 -0.63 0.26
CA LYS A 190 -69.10 -0.56 0.50
C LYS A 190 -69.77 -1.93 0.61
N SER A 191 -69.14 -2.98 0.10
CA SER A 191 -69.78 -4.29 0.03
C SER A 191 -69.64 -5.13 1.28
N HIS A 192 -68.72 -4.79 2.18
CA HIS A 192 -68.57 -5.47 3.46
C HIS A 192 -69.21 -4.66 4.58
N ARG A 193 -69.58 -5.35 5.66
CA ARG A 193 -70.22 -4.63 6.76
C ARG A 193 -69.21 -3.95 7.67
N SER A 194 -67.95 -4.39 7.68
CA SER A 194 -66.93 -3.69 8.44
C SER A 194 -65.54 -4.11 7.98
N TYR A 195 -64.55 -3.32 8.40
CA TYR A 195 -63.14 -3.66 8.26
C TYR A 195 -62.46 -3.37 9.58
N SER A 196 -61.38 -4.12 9.87
CA SER A 196 -60.70 -3.97 11.16
C SER A 196 -59.20 -3.98 10.98
N CYS A 197 -58.51 -3.14 11.75
CA CYS A 197 -57.06 -3.14 11.90
C CYS A 197 -56.73 -3.74 13.27
N GLN A 198 -55.89 -4.78 13.28
CA GLN A 198 -55.53 -5.49 14.50
C GLN A 198 -54.04 -5.31 14.76
N VAL A 199 -53.69 -4.78 15.91
CA VAL A 199 -52.31 -4.39 16.23
C VAL A 199 -51.85 -5.18 17.46
N THR A 200 -50.79 -5.95 17.30
CA THR A 200 -50.26 -6.80 18.36
C THR A 200 -48.95 -6.22 18.87
N HIS A 201 -48.83 -6.16 20.20
CA HIS A 201 -47.66 -5.57 20.85
C HIS A 201 -47.45 -6.32 22.15
N GLU A 202 -46.27 -6.93 22.31
CA GLU A 202 -45.94 -7.70 23.51
C GLU A 202 -47.03 -8.74 23.82
N GLY A 203 -47.49 -9.44 22.78
CA GLY A 203 -48.43 -10.52 22.95
C GLY A 203 -49.90 -10.12 23.04
N SER A 204 -50.19 -8.86 23.38
CA SER A 204 -51.56 -8.39 23.47
C SER A 204 -51.95 -7.62 22.21
N THR A 205 -53.22 -7.77 21.82
CA THR A 205 -53.72 -7.19 20.58
C THR A 205 -54.86 -6.20 20.84
N VAL A 206 -54.86 -5.11 20.09
CA VAL A 206 -55.94 -4.13 20.10
C VAL A 206 -56.50 -4.05 18.68
N GLU A 207 -57.82 -4.06 18.57
CA GLU A 207 -58.51 -4.05 17.29
C GLU A 207 -59.43 -2.84 17.20
N LYS A 208 -59.42 -2.18 16.05
CA LYS A 208 -60.33 -1.09 15.76
C LYS A 208 -61.10 -1.44 14.49
N THR A 209 -62.34 -0.96 14.43
CA THR A 209 -63.27 -1.36 13.37
C THR A 209 -63.98 -0.13 12.83
N VAL A 210 -64.14 -0.09 11.51
CA VAL A 210 -64.89 0.97 10.84
C VAL A 210 -65.86 0.33 9.85
N ALA A 211 -66.97 1.01 9.60
CA ALA A 211 -68.01 0.48 8.73
C ALA A 211 -68.44 1.53 7.73
N PRO A 212 -68.91 1.10 6.55
CA PRO A 212 -69.24 2.08 5.50
C PRO A 212 -70.32 3.07 5.88
N THR A 213 -71.37 2.61 6.58
CA THR A 213 -72.49 3.49 6.91
C THR A 213 -72.04 4.67 7.75
N VAL B 2 -27.14 33.77 15.53
CA VAL B 2 -26.52 33.18 14.37
C VAL B 2 -27.51 32.18 13.78
N GLN B 3 -27.79 32.30 12.50
CA GLN B 3 -28.75 31.44 11.82
C GLN B 3 -28.26 31.14 10.42
N LEU B 4 -28.55 29.92 9.97
CA LEU B 4 -28.14 29.43 8.66
C LEU B 4 -29.33 28.74 8.01
N ARG B 5 -29.62 29.10 6.75
CA ARG B 5 -30.79 28.58 6.05
C ARG B 5 -30.37 28.09 4.68
N GLU B 6 -30.55 26.80 4.43
CA GLU B 6 -30.23 26.21 3.13
C GLU B 6 -31.43 26.36 2.21
N SER B 7 -31.16 26.60 0.93
CA SER B 7 -32.20 26.63 -0.08
C SER B 7 -31.63 26.04 -1.37
N GLY B 8 -32.53 25.59 -2.24
CA GLY B 8 -32.15 24.99 -3.49
C GLY B 8 -33.12 23.90 -3.88
N PRO B 9 -32.86 23.23 -4.99
CA PRO B 9 -33.78 22.19 -5.47
C PRO B 9 -33.80 21.01 -4.52
N SER B 10 -34.98 20.40 -4.39
CA SER B 10 -35.14 19.15 -3.65
C SER B 10 -34.88 17.93 -4.52
N LEU B 11 -35.07 18.05 -5.82
CA LEU B 11 -34.92 16.96 -6.78
C LEU B 11 -33.99 17.43 -7.88
N VAL B 12 -33.01 16.61 -8.21
CA VAL B 12 -32.03 16.90 -9.26
C VAL B 12 -31.87 15.66 -10.13
N LYS B 13 -31.81 15.85 -11.44
CA LYS B 13 -31.70 14.70 -12.33
C LYS B 13 -30.24 14.25 -12.43
N PRO B 14 -30.02 12.96 -12.66
CA PRO B 14 -28.64 12.47 -12.78
C PRO B 14 -27.88 13.20 -13.89
N SER B 15 -26.59 13.40 -13.64
CA SER B 15 -25.63 14.03 -14.54
C SER B 15 -25.68 15.55 -14.45
N GLN B 16 -26.69 16.13 -13.81
CA GLN B 16 -26.81 17.57 -13.75
C GLN B 16 -26.05 18.11 -12.53
N THR B 17 -26.04 19.43 -12.40
CA THR B 17 -25.31 20.10 -11.33
C THR B 17 -26.26 20.50 -10.23
N LEU B 18 -25.92 20.13 -8.99
CA LEU B 18 -26.68 20.50 -7.80
C LEU B 18 -26.15 21.84 -7.29
N SER B 19 -27.02 22.86 -7.23
CA SER B 19 -26.64 24.20 -6.78
C SER B 19 -27.47 24.53 -5.54
N LEU B 20 -26.80 24.67 -4.39
CA LEU B 20 -27.42 25.04 -3.14
C LEU B 20 -26.95 26.43 -2.69
N THR B 21 -27.78 27.07 -1.88
CA THR B 21 -27.46 28.37 -1.31
C THR B 21 -27.69 28.34 0.19
N CYS B 22 -26.80 28.98 0.93
CA CYS B 22 -26.92 29.11 2.37
C CYS B 22 -27.00 30.60 2.65
N THR B 23 -28.15 31.05 3.16
CA THR B 23 -28.31 32.42 3.63
C THR B 23 -28.07 32.47 5.13
N VAL B 24 -27.20 33.38 5.57
CA VAL B 24 -26.80 33.46 6.97
C VAL B 24 -27.32 34.77 7.55
N SER B 25 -27.50 34.77 8.87
CA SER B 25 -27.93 35.96 9.58
C SER B 25 -27.27 35.99 10.96
N GLY B 26 -27.18 37.19 11.52
CA GLY B 26 -26.63 37.34 12.86
C GLY B 26 -25.13 37.42 12.92
N PHE B 27 -24.44 37.43 11.78
CA PHE B 27 -23.01 37.65 11.68
C PHE B 27 -22.73 38.01 10.23
N SER B 28 -21.53 38.53 9.99
CA SER B 28 -21.10 38.87 8.64
C SER B 28 -20.18 37.77 8.13
N LEU B 29 -20.47 37.28 6.92
CA LEU B 29 -19.60 36.30 6.29
C LEU B 29 -18.16 36.76 6.23
N SER B 30 -17.92 38.08 6.23
CA SER B 30 -16.56 38.60 6.25
C SER B 30 -15.77 38.11 7.47
N ASP B 31 -16.45 37.76 8.55
CA ASP B 31 -15.80 37.48 9.82
C ASP B 31 -15.86 36.03 10.25
N LYS B 32 -16.51 35.14 9.48
CA LYS B 32 -16.71 33.77 9.92
C LYS B 32 -16.63 32.83 8.74
N ALA B 33 -15.91 31.72 8.91
CA ALA B 33 -15.86 30.66 7.91
C ALA B 33 -17.17 29.87 7.93
N VAL B 34 -17.58 29.40 6.75
CA VAL B 34 -18.80 28.62 6.59
C VAL B 34 -18.45 27.34 5.82
N GLY B 35 -19.04 26.21 6.22
CA GLY B 35 -18.73 24.93 5.63
C GLY B 35 -20.00 24.21 5.19
N TRP B 36 -19.80 23.16 4.39
CA TRP B 36 -20.87 22.32 3.90
C TRP B 36 -20.57 20.87 4.29
N VAL B 37 -21.61 20.16 4.68
CA VAL B 37 -21.52 18.77 5.11
C VAL B 37 -22.79 18.09 4.60
N ARG B 38 -22.67 16.80 4.27
CA ARG B 38 -23.84 16.01 3.91
C ARG B 38 -23.84 14.66 4.62
N ARG B 39 -25.02 14.06 4.69
CA ARG B 39 -25.15 12.73 5.29
C ARG B 39 -26.16 11.96 4.45
N ALA B 40 -25.70 10.93 3.76
CA ALA B 40 -26.58 10.08 2.98
C ALA B 40 -27.41 9.19 3.92
N PRO B 41 -28.59 8.76 3.48
CA PRO B 41 -29.43 7.92 4.36
C PRO B 41 -28.67 6.68 4.83
N GLY B 42 -28.55 6.54 6.14
CA GLY B 42 -27.88 5.39 6.72
C GLY B 42 -26.39 5.33 6.49
N LYS B 43 -25.74 6.48 6.37
CA LYS B 43 -24.29 6.56 6.24
C LYS B 43 -23.76 7.66 7.15
N ALA B 44 -22.44 7.82 7.17
CA ALA B 44 -21.80 8.74 8.09
C ALA B 44 -21.72 10.15 7.49
N LEU B 45 -21.45 11.12 8.35
CA LEU B 45 -21.26 12.49 7.91
C LEU B 45 -20.09 12.58 6.95
N GLU B 46 -20.23 13.42 5.93
CA GLU B 46 -19.17 13.61 4.96
C GLU B 46 -18.88 15.09 4.78
N TRP B 47 -17.65 15.48 5.07
CA TRP B 47 -17.22 16.85 4.84
C TRP B 47 -17.14 17.13 3.35
N LEU B 48 -17.67 18.30 2.94
CA LEU B 48 -17.58 18.73 1.54
C LEU B 48 -16.52 19.81 1.38
N GLY B 49 -16.65 20.92 2.09
CA GLY B 49 -15.66 21.97 2.00
C GLY B 49 -16.09 23.19 2.79
N SER B 50 -15.24 24.21 2.76
CA SER B 50 -15.51 25.44 3.50
C SER B 50 -14.88 26.62 2.75
N ILE B 51 -15.38 27.81 3.06
CA ILE B 51 -14.84 29.06 2.55
C ILE B 51 -14.57 29.98 3.74
N ASP B 52 -13.33 30.42 3.88
CA ASP B 52 -12.87 31.18 5.03
C ASP B 52 -13.19 32.67 4.85
N THR B 53 -12.92 33.44 5.90
CA THR B 53 -13.26 34.86 5.91
C THR B 53 -12.72 35.57 4.67
N GLY B 54 -11.48 35.28 4.30
CA GLY B 54 -10.86 35.91 3.15
C GLY B 54 -11.23 35.35 1.81
N GLY B 55 -12.03 34.29 1.78
CA GLY B 55 -12.40 33.64 0.54
C GLY B 55 -11.61 32.40 0.21
N MET B 56 -10.60 32.06 1.00
CA MET B 56 -9.85 30.83 0.82
C MET B 56 -10.80 29.65 0.94
N THR B 57 -10.76 28.75 -0.05
CA THR B 57 -11.61 27.56 -0.03
C THR B 57 -10.77 26.30 0.14
N GLY B 58 -11.36 25.32 0.82
CA GLY B 58 -10.76 24.02 1.01
C GLY B 58 -11.83 22.96 0.82
N TYR B 59 -11.46 21.84 0.22
CA TYR B 59 -12.42 20.81 -0.12
C TYR B 59 -11.96 19.44 0.34
N ASN B 60 -12.93 18.54 0.52
CA ASN B 60 -12.68 17.12 0.63
C ASN B 60 -11.83 16.66 -0.56
N PRO B 61 -10.62 16.17 -0.33
CA PRO B 61 -9.75 15.84 -1.48
C PRO B 61 -10.38 14.84 -2.43
N GLY B 62 -11.11 13.85 -1.92
CA GLY B 62 -11.75 12.87 -2.77
C GLY B 62 -12.85 13.43 -3.64
N LEU B 63 -13.42 14.57 -3.26
CA LEU B 63 -14.50 15.17 -4.01
C LEU B 63 -14.14 16.50 -4.65
N LYS B 64 -12.92 16.99 -4.43
CA LYS B 64 -12.59 18.36 -4.83
C LYS B 64 -12.90 18.61 -6.31
N SER B 65 -12.67 17.62 -7.17
CA SER B 65 -12.84 17.84 -8.60
C SER B 65 -14.29 18.11 -8.99
N ARG B 66 -15.24 17.84 -8.09
CA ARG B 66 -16.65 18.01 -8.40
C ARG B 66 -17.32 19.14 -7.63
N LEU B 67 -16.59 19.84 -6.76
CA LEU B 67 -17.18 20.81 -5.84
C LEU B 67 -16.74 22.22 -6.17
N SER B 68 -17.64 23.17 -5.88
CA SER B 68 -17.31 24.58 -5.99
C SER B 68 -18.09 25.32 -4.92
N ILE B 69 -17.37 26.09 -4.11
CA ILE B 69 -17.96 26.96 -3.10
C ILE B 69 -17.55 28.39 -3.37
N THR B 70 -18.51 29.30 -3.36
CA THR B 70 -18.28 30.74 -3.49
C THR B 70 -19.13 31.43 -2.43
N LYS B 71 -18.91 32.73 -2.24
CA LYS B 71 -19.74 33.47 -1.31
C LYS B 71 -19.87 34.93 -1.76
N ASP B 72 -20.83 35.62 -1.15
CA ASP B 72 -21.09 37.04 -1.39
C ASP B 72 -21.38 37.65 -0.02
N ASN B 73 -20.38 38.33 0.56
CA ASN B 73 -20.54 38.86 1.91
C ASN B 73 -21.71 39.83 1.98
N SER B 74 -21.85 40.69 0.97
CA SER B 74 -22.92 41.70 0.99
C SER B 74 -24.29 41.06 0.99
N LYS B 75 -24.45 39.94 0.29
CA LYS B 75 -25.72 39.21 0.28
C LYS B 75 -25.88 38.29 1.49
N SER B 76 -24.83 38.08 2.27
CA SER B 76 -24.86 37.10 3.36
C SER B 76 -25.26 35.73 2.83
N GLN B 77 -24.66 35.34 1.70
CA GLN B 77 -24.98 34.08 1.05
C GLN B 77 -23.70 33.32 0.72
N VAL B 78 -23.75 32.01 0.88
CA VAL B 78 -22.70 31.09 0.45
C VAL B 78 -23.34 30.07 -0.46
N SER B 79 -22.61 29.64 -1.49
CA SER B 79 -23.14 28.70 -2.47
C SER B 79 -22.28 27.46 -2.52
N LEU B 80 -22.90 26.35 -2.90
CA LEU B 80 -22.25 25.08 -3.17
C LEU B 80 -22.72 24.55 -4.51
N SER B 81 -21.79 24.07 -5.32
CA SER B 81 -22.11 23.33 -6.55
C SER B 81 -21.48 21.96 -6.47
N VAL B 82 -22.25 20.94 -6.85
CA VAL B 82 -21.78 19.57 -6.98
C VAL B 82 -22.09 19.17 -8.41
N ASN B 83 -21.05 18.99 -9.24
CA ASN B 83 -21.28 18.69 -10.65
C ASN B 83 -21.47 17.19 -10.87
N SER B 84 -22.20 16.87 -11.92
CA SER B 84 -22.36 15.50 -12.41
C SER B 84 -22.84 14.56 -11.31
N VAL B 85 -24.01 14.88 -10.76
CA VAL B 85 -24.49 14.14 -9.60
C VAL B 85 -25.00 12.77 -10.03
N THR B 86 -24.92 11.82 -9.12
CA THR B 86 -25.51 10.51 -9.26
C THR B 86 -26.32 10.23 -8.00
N THR B 87 -26.95 9.05 -7.97
CA THR B 87 -27.81 8.71 -6.84
C THR B 87 -27.03 8.71 -5.53
N GLU B 88 -25.73 8.43 -5.57
CA GLU B 88 -24.94 8.44 -4.33
C GLU B 88 -24.76 9.85 -3.76
N ASP B 89 -25.16 10.88 -4.51
CA ASP B 89 -25.19 12.23 -3.99
C ASP B 89 -26.49 12.59 -3.29
N SER B 90 -27.51 11.72 -3.38
CA SER B 90 -28.72 11.93 -2.60
C SER B 90 -28.34 12.00 -1.12
N ALA B 91 -28.84 13.03 -0.43
CA ALA B 91 -28.46 13.20 0.97
C ALA B 91 -29.10 14.47 1.51
N THR B 92 -29.03 14.61 2.84
CA THR B 92 -29.31 15.87 3.49
C THR B 92 -28.04 16.71 3.46
N TYR B 93 -28.12 17.92 2.92
CA TYR B 93 -26.99 18.83 2.86
C TYR B 93 -27.14 19.93 3.90
N TYR B 94 -26.10 20.12 4.70
CA TYR B 94 -26.08 21.13 5.75
C TYR B 94 -25.02 22.16 5.44
N CYS B 95 -25.33 23.44 5.66
CA CYS B 95 -24.30 24.45 5.83
C CYS B 95 -24.14 24.75 7.32
N ALA B 96 -22.98 25.32 7.68
CA ALA B 96 -22.64 25.45 9.08
C ALA B 96 -21.53 26.45 9.25
N THR B 97 -21.50 27.09 10.42
CA THR B 97 -20.39 27.98 10.75
C THR B 97 -19.23 27.15 11.27
N VAL B 98 -18.02 27.52 10.85
CA VAL B 98 -16.82 26.77 11.14
C VAL B 98 -15.86 27.68 11.91
N ASP B 99 -15.41 27.20 13.06
CA ASP B 99 -14.36 27.86 13.82
C ASP B 99 -13.07 27.11 13.56
N GLN B 100 -12.12 27.73 12.87
CA GLN B 100 -10.85 27.11 12.52
C GLN B 100 -9.73 28.08 12.82
N LYS B 101 -8.67 27.58 13.46
CA LYS B 101 -7.54 28.39 13.85
C LYS B 101 -6.29 27.55 13.74
N THR B 102 -5.21 28.16 13.24
CA THR B 102 -3.92 27.49 13.17
C THR B 102 -3.28 27.45 14.55
N LYS B 103 -2.85 26.26 14.97
CA LYS B 103 -2.14 26.06 16.23
C LYS B 103 -0.77 25.46 15.95
N ASN B 104 0.19 25.78 16.81
CA ASN B 104 1.49 25.16 16.73
C ASN B 104 1.45 23.82 17.43
N ALA B 105 2.19 22.84 16.90
CA ALA B 105 2.21 21.52 17.52
C ALA B 105 2.71 21.57 18.95
N CYS B 106 3.61 22.51 19.25
CA CYS B 106 4.26 22.59 20.55
C CYS B 106 3.69 23.74 21.37
N PRO B 107 3.59 23.57 22.69
CA PRO B 107 3.12 24.68 23.54
C PRO B 107 4.07 25.87 23.47
N ASP B 108 3.61 26.99 24.04
CA ASP B 108 4.48 28.16 24.14
C ASP B 108 5.70 27.82 24.98
N ASP B 109 6.78 28.54 24.74
CA ASP B 109 8.09 28.31 25.34
C ASP B 109 8.81 27.15 24.64
N PHE B 110 8.20 26.52 23.62
CA PHE B 110 8.80 25.45 22.86
C PHE B 110 8.92 25.83 21.40
N ASP B 111 9.85 25.17 20.71
CA ASP B 111 10.06 25.32 19.27
C ASP B 111 9.96 23.96 18.61
N TYR B 112 9.29 23.89 17.46
CA TYR B 112 9.20 22.67 16.68
C TYR B 112 10.50 22.48 15.90
N ARG B 113 11.03 21.27 15.91
CA ARG B 113 12.30 20.98 15.24
C ARG B 113 12.26 19.59 14.64
N CYS B 114 12.81 19.46 13.43
CA CYS B 114 12.95 18.15 12.79
C CYS B 114 14.39 17.69 12.71
N SER B 115 15.32 18.49 13.23
CA SER B 115 16.74 18.12 13.28
C SER B 115 17.09 17.30 14.51
N CYS B 116 16.12 16.97 15.35
CA CYS B 116 16.39 16.24 16.58
C CYS B 116 16.75 14.78 16.30
N ILE B 117 17.58 14.22 17.18
CA ILE B 117 17.85 12.79 17.14
C ILE B 117 16.56 12.02 17.42
N GLY B 118 16.15 11.17 16.48
CA GLY B 118 15.00 10.33 16.65
C GLY B 118 13.75 10.77 15.92
N GLY B 119 13.74 11.94 15.33
CA GLY B 119 12.59 12.44 14.61
C GLY B 119 12.36 13.90 14.90
N CYS B 120 11.19 14.41 14.49
CA CYS B 120 10.78 15.76 14.80
C CYS B 120 10.21 15.82 16.22
N GLY B 121 10.31 16.99 16.84
CA GLY B 121 9.86 17.10 18.21
C GLY B 121 9.75 18.53 18.66
N CYS B 122 9.50 18.69 19.95
CA CYS B 122 9.34 19.98 20.60
C CYS B 122 10.53 20.22 21.53
N ALA B 123 11.21 21.34 21.33
CA ALA B 123 12.38 21.70 22.13
C ALA B 123 12.12 23.01 22.87
N ARG B 124 12.58 23.07 24.12
CA ARG B 124 12.52 24.31 24.86
C ARG B 124 13.23 25.42 24.10
N LYS B 125 12.59 26.58 24.04
CA LYS B 125 13.26 27.77 23.53
C LYS B 125 14.50 28.04 24.38
N GLY B 126 15.62 28.23 23.70
CA GLY B 126 16.91 28.40 24.32
C GLY B 126 17.81 27.20 24.16
N CYS B 127 17.25 26.00 24.01
CA CYS B 127 18.06 24.80 23.90
C CYS B 127 18.64 24.68 22.50
N VAL B 128 19.93 24.33 22.44
CA VAL B 128 20.68 24.27 21.19
C VAL B 128 21.00 22.82 20.85
N GLY B 129 20.74 22.44 19.60
CA GLY B 129 21.23 21.18 19.10
C GLY B 129 20.19 20.08 18.99
N PRO B 130 20.63 18.91 18.52
CA PRO B 130 19.68 17.83 18.21
C PRO B 130 19.29 16.96 19.39
N LEU B 131 19.83 17.22 20.58
CA LEU B 131 19.39 16.49 21.77
C LEU B 131 18.25 17.18 22.50
N CYS B 132 17.75 18.30 21.96
CA CYS B 132 16.81 19.15 22.69
C CYS B 132 15.41 18.57 22.74
N CYS B 133 15.13 17.51 22.00
CA CYS B 133 13.83 16.85 22.07
C CYS B 133 13.87 15.63 22.98
N ARG B 134 14.87 15.55 23.84
CA ARG B 134 15.05 14.44 24.78
C ARG B 134 14.70 14.87 26.19
N SER B 135 14.38 13.88 27.03
CA SER B 135 13.79 14.16 28.33
C SER B 135 14.75 14.96 29.23
N ASP B 136 16.05 14.70 29.13
CA ASP B 136 16.97 15.35 30.07
C ASP B 136 17.12 16.84 29.79
N LEU B 137 16.79 17.30 28.57
CA LEU B 137 16.85 18.71 28.21
C LEU B 137 15.46 19.37 28.19
N GLY B 138 14.43 18.65 28.62
CA GLY B 138 13.11 19.24 28.77
C GLY B 138 12.20 19.15 27.57
N GLY B 139 12.60 18.42 26.52
CA GLY B 139 11.83 18.31 25.31
C GLY B 139 11.31 16.90 25.07
N TYR B 140 10.59 16.76 23.96
CA TYR B 140 10.00 15.49 23.60
C TYR B 140 9.76 15.42 22.09
N LEU B 141 9.67 14.20 21.59
CA LEU B 141 9.39 13.96 20.19
C LEU B 141 7.89 13.93 19.96
N THR B 142 7.51 14.22 18.72
CA THR B 142 6.09 14.24 18.35
C THR B 142 5.95 13.79 16.90
N ASP B 143 4.81 13.17 16.61
CA ASP B 143 4.44 12.84 15.24
C ASP B 143 3.46 13.83 14.64
N SER B 144 3.15 14.91 15.35
CA SER B 144 2.26 15.93 14.83
C SER B 144 3.01 16.85 13.87
N PRO B 145 2.37 17.30 12.79
CA PRO B 145 3.03 18.25 11.89
C PRO B 145 3.37 19.54 12.61
N ALA B 146 4.10 20.42 11.91
CA ALA B 146 4.55 21.65 12.53
C ALA B 146 3.38 22.51 12.98
N TYR B 147 2.34 22.60 12.17
CA TYR B 147 1.14 23.36 12.51
C TYR B 147 -0.09 22.51 12.21
N ILE B 148 -1.08 22.58 13.10
CA ILE B 148 -2.35 21.91 12.93
C ILE B 148 -3.48 22.92 13.10
N TYR B 149 -4.69 22.49 12.79
CA TYR B 149 -5.88 23.33 12.89
C TYR B 149 -6.73 22.88 14.07
N GLU B 150 -7.18 23.83 14.87
CA GLU B 150 -8.27 23.62 15.81
C GLU B 150 -9.56 23.87 15.03
N TRP B 151 -10.26 22.80 14.69
CA TRP B 151 -11.40 22.86 13.79
C TRP B 151 -12.61 22.28 14.52
N TYR B 152 -13.74 22.99 14.45
CA TYR B 152 -15.03 22.41 14.80
C TYR B 152 -16.14 23.24 14.17
N ILE B 153 -17.33 22.63 14.09
CA ILE B 153 -18.53 23.31 13.65
C ILE B 153 -19.23 23.89 14.86
N ASP B 154 -19.56 25.17 14.80
CA ASP B 154 -20.22 25.86 15.90
C ASP B 154 -21.74 25.71 15.84
N LEU B 155 -22.35 26.11 14.73
CA LEU B 155 -23.80 26.00 14.57
C LEU B 155 -24.12 25.37 13.21
N TRP B 156 -25.18 24.59 13.18
CA TRP B 156 -25.58 23.89 11.97
C TRP B 156 -26.92 24.41 11.45
N GLY B 157 -27.06 24.42 10.14
CA GLY B 157 -28.37 24.61 9.54
C GLY B 157 -29.25 23.40 9.71
N GLN B 158 -30.55 23.59 9.43
CA GLN B 158 -31.49 22.47 9.56
C GLN B 158 -31.22 21.40 8.52
N GLY B 159 -30.64 21.76 7.39
CA GLY B 159 -30.34 20.79 6.37
C GLY B 159 -31.44 20.72 5.31
N LEU B 160 -31.02 20.46 4.08
CA LEU B 160 -31.94 20.33 2.95
C LEU B 160 -31.83 18.93 2.37
N LEU B 161 -32.97 18.24 2.29
CA LEU B 161 -33.01 16.90 1.71
C LEU B 161 -32.98 17.02 0.20
N VAL B 162 -32.01 16.34 -0.42
CA VAL B 162 -31.83 16.37 -1.87
C VAL B 162 -31.90 14.95 -2.40
N THR B 163 -32.84 14.70 -3.30
CA THR B 163 -32.99 13.41 -3.97
C THR B 163 -32.52 13.55 -5.41
N VAL B 164 -31.61 12.69 -5.83
CA VAL B 164 -31.23 12.58 -7.24
C VAL B 164 -32.05 11.47 -7.87
N SER B 165 -32.75 11.78 -8.97
CA SER B 165 -33.61 10.79 -9.59
C SER B 165 -34.11 11.29 -10.93
N SER B 166 -34.35 10.34 -11.84
CA SER B 166 -34.97 10.61 -13.12
C SER B 166 -36.47 10.80 -13.03
N ALA B 167 -37.08 10.44 -11.90
CA ALA B 167 -38.53 10.54 -11.75
C ALA B 167 -38.96 11.98 -11.59
N SER B 168 -40.12 12.31 -12.16
CA SER B 168 -40.64 13.67 -12.06
C SER B 168 -41.21 13.94 -10.67
N THR B 169 -41.27 15.23 -10.32
CA THR B 169 -41.94 15.62 -9.10
C THR B 169 -43.43 15.36 -9.23
N LYS B 170 -44.07 15.01 -8.11
CA LYS B 170 -45.52 14.90 -8.05
C LYS B 170 -45.97 15.42 -6.70
N GLY B 171 -46.82 16.46 -6.71
CA GLY B 171 -47.40 16.99 -5.50
C GLY B 171 -48.50 16.10 -4.95
N PRO B 172 -48.74 16.14 -3.65
CA PRO B 172 -49.69 15.21 -3.04
C PRO B 172 -51.13 15.63 -3.27
N SER B 173 -52.00 14.62 -3.25
CA SER B 173 -53.43 14.81 -3.08
C SER B 173 -53.76 14.71 -1.59
N VAL B 174 -54.46 15.69 -1.06
CA VAL B 174 -54.73 15.78 0.37
C VAL B 174 -56.20 15.51 0.61
N PHE B 175 -56.50 14.53 1.46
CA PHE B 175 -57.85 14.15 1.78
C PHE B 175 -58.09 14.34 3.27
N PRO B 176 -59.19 15.00 3.66
CA PRO B 176 -59.49 15.08 5.10
C PRO B 176 -59.98 13.74 5.62
N LEU B 177 -59.55 13.40 6.83
CA LEU B 177 -59.93 12.17 7.52
C LEU B 177 -60.89 12.58 8.64
N ALA B 178 -62.19 12.47 8.37
CA ALA B 178 -63.20 12.96 9.31
C ALA B 178 -63.34 11.98 10.48
N PRO B 179 -63.57 12.50 11.69
CA PRO B 179 -63.77 11.61 12.84
C PRO B 179 -65.16 11.00 12.83
N SER B 180 -65.23 9.68 13.00
CA SER B 180 -66.50 8.97 12.97
C SER B 180 -67.23 9.16 14.31
N SER B 181 -68.53 8.86 14.30
CA SER B 181 -69.37 9.12 15.46
C SER B 181 -68.96 8.27 16.66
N LYS B 182 -68.90 6.95 16.48
CA LYS B 182 -68.64 6.05 17.61
C LYS B 182 -67.22 6.20 18.16
N SER B 183 -66.29 6.75 17.37
CA SER B 183 -64.93 6.94 17.84
C SER B 183 -64.74 8.25 18.58
N THR B 184 -65.66 9.21 18.42
CA THR B 184 -65.60 10.49 19.11
C THR B 184 -66.42 10.52 20.38
N SER B 185 -67.15 9.45 20.68
CA SER B 185 -68.08 9.44 21.81
C SER B 185 -67.36 9.42 23.16
N GLY B 186 -66.02 9.37 23.19
CA GLY B 186 -65.26 9.28 24.41
C GLY B 186 -64.68 10.59 24.92
N GLY B 187 -65.03 11.73 24.30
CA GLY B 187 -64.54 13.00 24.78
C GLY B 187 -63.53 13.65 23.85
N THR B 188 -62.53 12.88 23.41
CA THR B 188 -61.51 13.36 22.48
C THR B 188 -61.77 12.79 21.09
N ALA B 189 -61.61 13.64 20.09
CA ALA B 189 -61.82 13.27 18.69
C ALA B 189 -60.51 13.38 17.93
N ALA B 190 -60.19 12.34 17.16
CA ALA B 190 -59.03 12.36 16.28
C ALA B 190 -59.50 12.67 14.86
N LEU B 191 -58.91 13.68 14.27
CA LEU B 191 -59.11 13.97 12.86
C LEU B 191 -57.75 14.11 12.21
N GLY B 192 -57.71 13.86 10.90
CA GLY B 192 -56.42 13.80 10.24
C GLY B 192 -56.50 14.21 8.79
N CYS B 193 -55.34 14.15 8.15
CA CYS B 193 -55.23 14.39 6.71
C CYS B 193 -54.38 13.29 6.11
N LEU B 194 -54.88 12.73 5.01
CA LEU B 194 -54.15 11.76 4.22
C LEU B 194 -53.43 12.50 3.10
N VAL B 195 -52.10 12.39 3.05
CA VAL B 195 -51.27 13.04 2.04
C VAL B 195 -50.80 11.95 1.09
N LYS B 196 -51.43 11.85 -0.07
CA LYS B 196 -51.28 10.67 -0.92
C LYS B 196 -50.46 10.94 -2.17
N ASP B 197 -49.61 9.96 -2.52
CA ASP B 197 -49.00 9.84 -3.85
C ASP B 197 -48.21 11.10 -4.24
N TYR B 198 -47.07 11.29 -3.56
CA TYR B 198 -46.19 12.39 -3.83
C TYR B 198 -44.77 11.89 -3.98
N PHE B 199 -43.95 12.69 -4.66
CA PHE B 199 -42.54 12.41 -4.86
C PHE B 199 -41.83 13.71 -5.15
N PRO B 200 -40.65 13.95 -4.58
CA PRO B 200 -39.95 13.12 -3.60
C PRO B 200 -40.33 13.56 -2.17
N GLU B 201 -39.67 12.98 -1.18
CA GLU B 201 -39.69 13.56 0.14
C GLU B 201 -39.04 14.93 0.09
N PRO B 202 -39.35 15.82 1.04
CA PRO B 202 -40.24 15.63 2.18
C PRO B 202 -41.54 16.41 2.06
N VAL B 203 -42.47 16.12 2.98
CA VAL B 203 -43.71 16.84 3.18
C VAL B 203 -43.79 17.24 4.64
N THR B 204 -44.27 18.46 4.89
CA THR B 204 -44.53 18.93 6.25
C THR B 204 -46.01 19.18 6.42
N VAL B 205 -46.53 18.90 7.61
CA VAL B 205 -47.92 19.14 7.94
C VAL B 205 -47.99 19.95 9.22
N SER B 206 -48.83 20.99 9.22
CA SER B 206 -49.21 21.70 10.44
C SER B 206 -50.72 21.77 10.47
N TRP B 207 -51.25 22.20 11.60
CA TRP B 207 -52.69 22.30 11.79
C TRP B 207 -53.03 23.71 12.24
N ASN B 208 -54.01 24.32 11.57
CA ASN B 208 -54.44 25.68 11.88
C ASN B 208 -53.24 26.62 11.94
N SER B 209 -52.36 26.47 10.94
CA SER B 209 -51.20 27.35 10.75
C SER B 209 -50.25 27.33 11.94
N GLY B 210 -50.13 26.20 12.62
CA GLY B 210 -49.22 26.07 13.74
C GLY B 210 -49.84 26.35 15.08
N ALA B 211 -51.03 26.94 15.14
CA ALA B 211 -51.70 27.19 16.41
C ALA B 211 -52.00 25.90 17.15
N LEU B 212 -52.01 24.77 16.45
CA LEU B 212 -52.35 23.46 17.03
C LEU B 212 -51.11 22.59 16.91
N THR B 213 -50.40 22.39 18.04
CA THR B 213 -49.21 21.56 18.06
C THR B 213 -49.28 20.44 19.08
N SER B 214 -49.84 20.69 20.26
CA SER B 214 -50.06 19.62 21.21
C SER B 214 -51.08 18.65 20.62
N GLY B 215 -50.79 17.35 20.73
CA GLY B 215 -51.68 16.35 20.21
C GLY B 215 -51.58 16.13 18.72
N VAL B 216 -50.52 16.61 18.07
CA VAL B 216 -50.31 16.40 16.65
C VAL B 216 -49.31 15.27 16.48
N HIS B 217 -49.71 14.24 15.75
CA HIS B 217 -48.83 13.14 15.35
C HIS B 217 -48.79 13.12 13.82
N THR B 218 -47.65 13.45 13.23
CA THR B 218 -47.43 13.34 11.79
C THR B 218 -46.49 12.15 11.55
N PHE B 219 -46.98 11.14 10.79
CA PHE B 219 -46.31 9.87 10.73
C PHE B 219 -45.31 9.83 9.58
N PRO B 220 -44.26 9.02 9.71
CA PRO B 220 -43.34 8.82 8.57
C PRO B 220 -44.07 8.23 7.38
N ALA B 221 -43.60 8.59 6.20
CA ALA B 221 -44.25 8.17 4.98
C ALA B 221 -44.05 6.69 4.71
N VAL B 222 -45.01 6.10 4.03
CA VAL B 222 -44.86 4.78 3.44
C VAL B 222 -44.41 4.95 2.00
N LEU B 223 -43.55 4.06 1.52
CA LEU B 223 -43.06 4.08 0.15
C LEU B 223 -43.76 2.95 -0.61
N GLN B 224 -44.59 3.32 -1.57
CA GLN B 224 -45.47 2.38 -2.24
C GLN B 224 -44.72 1.67 -3.36
N SER B 225 -45.31 0.55 -3.80
CA SER B 225 -44.80 -0.19 -4.95
C SER B 225 -44.74 0.67 -6.20
N SER B 226 -45.57 1.72 -6.26
CA SER B 226 -45.58 2.63 -7.41
C SER B 226 -44.39 3.57 -7.42
N GLY B 227 -43.64 3.64 -6.32
CA GLY B 227 -42.54 4.58 -6.23
C GLY B 227 -42.90 5.90 -5.58
N LEU B 228 -44.18 6.13 -5.29
CA LEU B 228 -44.64 7.37 -4.67
C LEU B 228 -44.80 7.16 -3.17
N TYR B 229 -44.71 8.26 -2.45
CA TYR B 229 -44.89 8.27 -1.00
C TYR B 229 -46.31 8.66 -0.60
N SER B 230 -46.70 8.24 0.61
CA SER B 230 -47.90 8.70 1.26
C SER B 230 -47.65 8.77 2.76
N LEU B 231 -48.26 9.74 3.40
CA LEU B 231 -48.20 9.84 4.86
C LEU B 231 -49.51 10.38 5.37
N SER B 232 -49.66 10.37 6.69
CA SER B 232 -50.84 10.88 7.35
C SER B 232 -50.43 11.71 8.56
N SER B 233 -51.28 12.67 8.89
CA SER B 233 -51.14 13.47 10.10
C SER B 233 -52.48 13.44 10.83
N VAL B 234 -52.41 13.44 12.16
CA VAL B 234 -53.60 13.38 12.99
C VAL B 234 -53.45 14.35 14.14
N VAL B 235 -54.56 14.96 14.53
CA VAL B 235 -54.61 15.86 15.69
C VAL B 235 -55.84 15.48 16.50
N THR B 236 -55.68 15.47 17.82
CA THR B 236 -56.76 15.15 18.74
C THR B 236 -57.29 16.43 19.37
N VAL B 237 -58.60 16.62 19.30
CA VAL B 237 -59.23 17.83 19.81
C VAL B 237 -60.36 17.45 20.76
N PRO B 238 -60.88 18.37 21.55
CA PRO B 238 -62.08 18.08 22.35
C PRO B 238 -63.27 17.81 21.44
N SER B 239 -64.00 16.74 21.74
CA SER B 239 -65.15 16.39 20.94
C SER B 239 -66.24 17.45 20.99
N SER B 240 -66.28 18.26 22.05
CA SER B 240 -67.30 19.31 22.14
C SER B 240 -67.04 20.44 21.15
N SER B 241 -65.81 20.58 20.66
CA SER B 241 -65.47 21.64 19.72
C SER B 241 -65.81 21.31 18.28
N LEU B 242 -66.12 20.04 17.97
CA LEU B 242 -66.45 19.67 16.61
C LEU B 242 -67.70 20.41 16.15
N GLY B 243 -67.66 20.89 14.90
CA GLY B 243 -68.77 21.65 14.34
C GLY B 243 -68.73 23.12 14.71
N THR B 244 -68.21 23.42 15.91
CA THR B 244 -68.02 24.80 16.34
C THR B 244 -66.70 25.38 15.83
N GLN B 245 -65.63 24.59 15.88
CA GLN B 245 -64.30 25.04 15.51
C GLN B 245 -63.90 24.51 14.14
N THR B 246 -63.16 25.33 13.41
CA THR B 246 -62.65 24.97 12.10
C THR B 246 -61.25 24.40 12.24
N TYR B 247 -61.02 23.23 11.67
CA TYR B 247 -59.75 22.56 11.71
C TYR B 247 -59.21 22.39 10.31
N ILE B 248 -57.98 22.85 10.09
CA ILE B 248 -57.37 22.89 8.77
C ILE B 248 -55.96 22.32 8.85
N CYS B 249 -55.65 21.36 7.97
CA CYS B 249 -54.29 20.86 7.85
C CYS B 249 -53.57 21.60 6.71
N ASN B 250 -52.33 22.01 6.97
CA ASN B 250 -51.51 22.76 6.02
C ASN B 250 -50.41 21.82 5.55
N VAL B 251 -50.54 21.34 4.32
CA VAL B 251 -49.62 20.37 3.75
C VAL B 251 -48.70 21.07 2.76
N ASN B 252 -47.41 21.06 3.06
CA ASN B 252 -46.40 21.76 2.27
C ASN B 252 -45.50 20.74 1.60
N HIS B 253 -45.41 20.83 0.28
CA HIS B 253 -44.52 19.99 -0.51
C HIS B 253 -43.52 20.93 -1.20
N LYS B 254 -42.45 21.28 -0.48
CA LYS B 254 -41.49 22.22 -1.05
C LYS B 254 -40.89 21.75 -2.37
N PRO B 255 -40.67 20.46 -2.63
CA PRO B 255 -40.13 20.06 -3.95
C PRO B 255 -40.93 20.56 -5.12
N SER B 256 -42.23 20.83 -4.94
CA SER B 256 -43.07 21.39 -5.99
C SER B 256 -43.57 22.78 -5.63
N ASN B 257 -42.96 23.44 -4.64
CA ASN B 257 -43.38 24.74 -4.16
C ASN B 257 -44.89 24.84 -4.08
N THR B 258 -45.54 23.80 -3.56
CA THR B 258 -46.99 23.71 -3.52
C THR B 258 -47.45 23.37 -2.12
N LYS B 259 -48.41 24.12 -1.61
CA LYS B 259 -48.98 23.97 -0.28
C LYS B 259 -50.49 23.91 -0.41
N VAL B 260 -51.09 22.97 0.31
CA VAL B 260 -52.52 22.71 0.28
C VAL B 260 -53.05 22.85 1.70
N ASP B 261 -54.16 23.58 1.86
CA ASP B 261 -54.84 23.74 3.13
C ASP B 261 -56.24 23.14 3.00
N LYS B 262 -56.52 22.14 3.81
CA LYS B 262 -57.74 21.35 3.70
C LYS B 262 -58.52 21.45 5.00
N LYS B 263 -59.75 21.94 4.92
CA LYS B 263 -60.66 21.89 6.05
C LYS B 263 -61.09 20.45 6.30
N VAL B 264 -61.09 20.05 7.55
CA VAL B 264 -61.54 18.73 7.98
C VAL B 264 -62.83 18.93 8.76
N GLU B 265 -63.97 18.64 8.12
CA GLU B 265 -65.28 18.86 8.73
C GLU B 265 -65.81 17.57 9.37
N PRO B 266 -66.54 17.67 10.48
CA PRO B 266 -67.07 16.45 11.11
C PRO B 266 -68.13 15.78 10.25
N LYS B 267 -68.28 14.48 10.47
CA LYS B 267 -69.29 13.70 9.76
C LYS B 267 -70.68 14.05 10.30
N VAL C 3 49.61 -24.25 -13.69
CA VAL C 3 48.60 -23.37 -14.28
C VAL C 3 48.83 -23.26 -15.78
N LEU C 4 47.77 -23.43 -16.56
CA LEU C 4 47.88 -23.25 -18.01
C LEU C 4 48.04 -21.76 -18.34
N ASN C 5 48.86 -21.46 -19.34
CA ASN C 5 49.22 -20.09 -19.68
C ASN C 5 48.23 -19.49 -20.67
N GLN C 6 47.49 -18.47 -20.25
CA GLN C 6 46.61 -17.70 -21.09
C GLN C 6 47.07 -16.24 -21.15
N PRO C 7 46.85 -15.53 -22.26
CA PRO C 7 47.07 -14.08 -22.25
C PRO C 7 46.15 -13.43 -21.22
N SER C 8 46.66 -12.40 -20.55
CA SER C 8 45.88 -11.73 -19.51
C SER C 8 44.66 -11.03 -20.09
N SER C 9 44.77 -10.48 -21.30
CA SER C 9 43.71 -9.64 -21.84
C SER C 9 43.69 -9.75 -23.35
N VAL C 10 42.49 -9.66 -23.92
CA VAL C 10 42.25 -9.69 -25.35
C VAL C 10 41.13 -8.73 -25.65
N SER C 11 41.17 -8.12 -26.84
CA SER C 11 40.10 -7.25 -27.28
C SER C 11 39.79 -7.49 -28.75
N GLY C 12 38.50 -7.34 -29.09
CA GLY C 12 38.08 -7.32 -30.49
C GLY C 12 36.88 -6.40 -30.66
N SER C 13 36.56 -6.11 -31.91
CA SER C 13 35.42 -5.26 -32.22
C SER C 13 34.17 -6.09 -32.53
N LEU C 14 33.01 -5.46 -32.32
CA LEU C 14 31.74 -6.12 -32.55
C LEU C 14 31.70 -6.78 -33.94
N GLY C 15 31.20 -8.01 -33.97
CA GLY C 15 31.08 -8.74 -35.22
C GLY C 15 32.38 -9.26 -35.79
N GLN C 16 33.51 -8.94 -35.18
CA GLN C 16 34.80 -9.45 -35.63
C GLN C 16 35.14 -10.74 -34.87
N ARG C 17 36.34 -11.26 -35.09
CA ARG C 17 36.78 -12.53 -34.51
C ARG C 17 37.99 -12.30 -33.60
N VAL C 18 38.00 -13.00 -32.47
CA VAL C 18 39.16 -13.00 -31.59
C VAL C 18 39.50 -14.45 -31.23
N SER C 19 40.76 -14.65 -30.83
CA SER C 19 41.24 -15.96 -30.44
C SER C 19 41.94 -15.84 -29.10
N ILE C 20 41.75 -16.87 -28.26
CA ILE C 20 42.35 -16.95 -26.94
C ILE C 20 43.11 -18.27 -26.87
N THR C 21 44.40 -18.19 -26.51
CA THR C 21 45.25 -19.38 -26.49
C THR C 21 45.47 -19.86 -25.06
N CYS C 22 45.81 -21.14 -24.95
CA CYS C 22 45.95 -21.83 -23.67
C CYS C 22 47.09 -22.84 -23.82
N SER C 23 48.26 -22.50 -23.31
CA SER C 23 49.46 -23.30 -23.47
C SER C 23 49.68 -24.17 -22.25
N GLY C 24 49.97 -25.46 -22.48
CA GLY C 24 50.24 -26.39 -21.42
C GLY C 24 51.39 -27.31 -21.78
N SER C 25 51.39 -28.51 -21.21
CA SER C 25 52.41 -29.53 -21.48
C SER C 25 51.74 -30.76 -22.10
N SER C 26 52.55 -31.76 -22.42
CA SER C 26 52.01 -33.00 -22.96
C SER C 26 51.25 -33.80 -21.93
N SER C 27 51.36 -33.48 -20.64
CA SER C 27 50.66 -34.20 -19.60
C SER C 27 49.28 -33.64 -19.29
N ASN C 28 48.95 -32.45 -19.79
CA ASN C 28 47.59 -31.93 -19.65
C ASN C 28 46.98 -31.60 -21.01
N VAL C 29 47.32 -30.44 -21.58
CA VAL C 29 46.70 -30.03 -22.83
C VAL C 29 47.03 -31.01 -23.95
N GLY C 30 48.28 -31.51 -23.96
CA GLY C 30 48.70 -32.41 -25.02
C GLY C 30 47.86 -33.67 -25.11
N ASN C 31 47.35 -34.14 -23.97
CA ASN C 31 46.46 -35.30 -23.97
C ASN C 31 45.10 -34.99 -24.59
N GLY C 32 44.80 -33.73 -24.88
CA GLY C 32 43.51 -33.38 -25.40
C GLY C 32 42.49 -33.17 -24.30
N TYR C 33 41.23 -33.18 -24.70
CA TYR C 33 40.10 -33.00 -23.79
C TYR C 33 40.28 -31.72 -22.97
N VAL C 34 40.51 -30.63 -23.68
CA VAL C 34 40.51 -29.31 -23.06
C VAL C 34 39.07 -28.80 -22.97
N SER C 35 38.78 -28.07 -21.90
CA SER C 35 37.48 -27.45 -21.71
C SER C 35 37.67 -25.94 -21.55
N TRP C 36 36.62 -25.18 -21.86
CA TRP C 36 36.64 -23.73 -21.79
C TRP C 36 35.40 -23.24 -21.05
N TYR C 37 35.58 -22.19 -20.24
CA TYR C 37 34.54 -21.67 -19.38
C TYR C 37 34.46 -20.15 -19.51
N GLN C 38 33.24 -19.64 -19.38
CA GLN C 38 32.97 -18.21 -19.52
C GLN C 38 32.41 -17.73 -18.19
N LEU C 39 33.08 -16.75 -17.59
CA LEU C 39 32.71 -16.23 -16.26
C LEU C 39 32.35 -14.75 -16.40
N ILE C 40 31.07 -14.46 -16.31
CA ILE C 40 30.55 -13.09 -16.36
C ILE C 40 30.15 -12.71 -14.94
N PRO C 41 30.70 -11.63 -14.38
CA PRO C 41 30.33 -11.26 -13.00
C PRO C 41 28.81 -11.19 -12.84
N GLY C 42 28.33 -11.73 -11.72
CA GLY C 42 26.92 -11.75 -11.44
C GLY C 42 26.14 -12.90 -12.05
N SER C 43 26.82 -13.81 -12.75
CA SER C 43 26.19 -15.01 -13.28
C SER C 43 27.05 -16.23 -12.93
N ALA C 44 26.41 -17.39 -12.83
CA ALA C 44 27.14 -18.61 -12.62
C ALA C 44 28.10 -18.85 -13.80
N PRO C 45 29.26 -19.47 -13.56
CA PRO C 45 30.13 -19.81 -14.69
C PRO C 45 29.40 -20.70 -15.69
N ARG C 46 29.81 -20.58 -16.94
CA ARG C 46 29.15 -21.25 -18.06
C ARG C 46 30.18 -22.07 -18.83
N THR C 47 29.92 -23.35 -18.97
CA THR C 47 30.78 -24.20 -19.79
C THR C 47 30.50 -23.97 -21.27
N LEU C 48 31.55 -23.73 -22.04
CA LEU C 48 31.44 -23.46 -23.48
C LEU C 48 31.89 -24.62 -24.34
N ILE C 49 33.02 -25.23 -24.01
CA ILE C 49 33.63 -26.26 -24.85
C ILE C 49 34.13 -27.39 -23.96
N TYR C 50 34.00 -28.62 -24.45
CA TYR C 50 34.65 -29.77 -23.84
C TYR C 50 35.19 -30.67 -24.95
N GLY C 51 36.05 -31.60 -24.57
CA GLY C 51 36.66 -32.46 -25.57
C GLY C 51 37.37 -31.69 -26.68
N ASP C 52 38.03 -30.58 -26.32
CA ASP C 52 38.77 -29.72 -27.24
C ASP C 52 37.86 -28.94 -28.19
N THR C 53 36.86 -29.61 -28.78
CA THR C 53 36.10 -29.02 -29.89
C THR C 53 34.60 -29.06 -29.73
N SER C 54 34.06 -29.82 -28.77
CA SER C 54 32.63 -30.00 -28.65
C SER C 54 31.99 -28.84 -27.91
N ARG C 55 30.83 -28.39 -28.41
CA ARG C 55 30.11 -27.29 -27.80
C ARG C 55 29.13 -27.81 -26.76
N ALA C 56 29.10 -27.14 -25.61
CA ALA C 56 28.16 -27.47 -24.55
C ALA C 56 26.74 -27.05 -24.95
N SER C 57 25.77 -27.48 -24.15
CA SER C 57 24.38 -27.17 -24.43
C SER C 57 24.15 -25.67 -24.50
N GLY C 58 23.44 -25.23 -25.53
CA GLY C 58 23.05 -23.85 -25.68
C GLY C 58 24.15 -22.93 -26.18
N VAL C 59 25.30 -23.47 -26.57
CA VAL C 59 26.45 -22.67 -26.99
C VAL C 59 26.42 -22.54 -28.51
N PRO C 60 26.31 -21.35 -29.07
CA PRO C 60 26.22 -21.22 -30.53
C PRO C 60 27.53 -21.54 -31.22
N ASP C 61 27.43 -21.86 -32.51
CA ASP C 61 28.61 -22.29 -33.26
C ASP C 61 29.65 -21.18 -33.44
N ARG C 62 29.30 -19.93 -33.16
CA ARG C 62 30.31 -18.87 -33.26
C ARG C 62 31.43 -19.05 -32.24
N PHE C 63 31.22 -19.89 -31.23
CA PHE C 63 32.31 -20.34 -30.35
C PHE C 63 32.90 -21.63 -30.91
N SER C 64 34.21 -21.69 -31.03
CA SER C 64 34.88 -22.87 -31.52
C SER C 64 36.19 -23.10 -30.79
N GLY C 65 36.48 -24.35 -30.51
CA GLY C 65 37.72 -24.74 -29.86
C GLY C 65 38.57 -25.57 -30.82
N SER C 66 39.88 -25.46 -30.66
CA SER C 66 40.82 -26.24 -31.45
C SER C 66 42.06 -26.49 -30.60
N ARG C 67 42.94 -27.35 -31.10
CA ARG C 67 44.17 -27.65 -30.39
C ARG C 67 45.25 -28.06 -31.38
N SER C 68 46.47 -27.64 -31.10
CA SER C 68 47.66 -28.03 -31.87
C SER C 68 48.73 -28.39 -30.85
N GLY C 69 48.94 -29.68 -30.63
CA GLY C 69 49.95 -30.12 -29.69
C GLY C 69 49.63 -29.70 -28.28
N ASN C 70 50.52 -28.89 -27.69
CA ASN C 70 50.36 -28.46 -26.31
C ASN C 70 49.73 -27.06 -26.20
N THR C 71 49.02 -26.60 -27.23
CA THR C 71 48.33 -25.32 -27.16
C THR C 71 46.89 -25.48 -27.66
N ALA C 72 45.94 -25.07 -26.84
CA ALA C 72 44.53 -25.04 -27.20
C ALA C 72 44.12 -23.60 -27.46
N THR C 73 43.10 -23.44 -28.30
CA THR C 73 42.65 -22.11 -28.73
C THR C 73 41.13 -22.06 -28.72
N LEU C 74 40.59 -20.98 -28.17
CA LEU C 74 39.17 -20.67 -28.24
C LEU C 74 39.00 -19.51 -29.21
N THR C 75 38.17 -19.70 -30.23
CA THR C 75 37.89 -18.67 -31.22
C THR C 75 36.44 -18.24 -31.07
N ILE C 76 36.23 -16.92 -30.92
CA ILE C 76 34.90 -16.34 -30.83
C ILE C 76 34.74 -15.42 -32.04
N SER C 77 33.86 -15.80 -32.96
CA SER C 77 33.54 -14.96 -34.12
C SER C 77 32.17 -14.31 -33.92
N SER C 78 31.88 -13.33 -34.77
CA SER C 78 30.64 -12.57 -34.64
C SER C 78 30.50 -12.02 -33.22
N LEU C 79 31.58 -11.37 -32.77
CA LEU C 79 31.67 -10.91 -31.40
C LEU C 79 30.48 -10.05 -31.04
N GLN C 80 29.90 -10.30 -29.88
CA GLN C 80 28.78 -9.54 -29.35
C GLN C 80 29.17 -8.94 -28.02
N ALA C 81 28.44 -7.89 -27.63
CA ALA C 81 28.73 -7.19 -26.38
C ALA C 81 28.71 -8.15 -25.19
N GLU C 82 27.71 -9.03 -25.15
CA GLU C 82 27.55 -9.97 -24.03
C GLU C 82 28.70 -10.97 -23.95
N ASP C 83 29.61 -10.99 -24.93
CA ASP C 83 30.76 -11.88 -24.86
C ASP C 83 31.85 -11.36 -23.94
N GLU C 84 31.76 -10.11 -23.50
CA GLU C 84 32.74 -9.59 -22.56
C GLU C 84 32.67 -10.40 -21.28
N ALA C 85 33.80 -11.00 -20.90
CA ALA C 85 33.83 -11.93 -19.77
C ALA C 85 35.28 -12.32 -19.53
N ASP C 86 35.47 -13.15 -18.50
CA ASP C 86 36.74 -13.81 -18.25
C ASP C 86 36.64 -15.26 -18.71
N TYR C 87 37.57 -15.67 -19.56
CA TYR C 87 37.57 -17.01 -20.16
C TYR C 87 38.72 -17.83 -19.59
N PHE C 88 38.40 -19.09 -19.23
CA PHE C 88 39.37 -19.99 -18.63
C PHE C 88 39.37 -21.31 -19.38
N CYS C 89 40.56 -21.81 -19.64
CA CYS C 89 40.71 -23.18 -20.09
C CYS C 89 40.98 -24.12 -18.91
N ALA C 90 40.83 -25.42 -19.17
CA ALA C 90 41.13 -26.42 -18.17
C ALA C 90 41.37 -27.76 -18.85
N SER C 91 42.16 -28.59 -18.18
CA SER C 91 42.38 -29.96 -18.62
C SER C 91 42.64 -30.83 -17.38
N ALA C 92 42.35 -32.12 -17.51
CA ALA C 92 42.81 -33.06 -16.51
C ALA C 92 44.32 -33.11 -16.52
N GLU C 93 44.91 -33.48 -15.37
CA GLU C 93 46.36 -33.49 -15.21
C GLU C 93 46.87 -34.93 -15.26
N ASP C 94 47.84 -35.17 -16.14
CA ASP C 94 48.46 -36.48 -16.32
C ASP C 94 47.38 -37.53 -16.52
N SER C 95 47.20 -38.45 -15.58
CA SER C 95 46.20 -39.50 -15.68
C SER C 95 45.36 -39.56 -14.40
N SER C 96 44.86 -38.40 -13.96
CA SER C 96 44.07 -38.29 -12.75
C SER C 96 42.78 -37.54 -13.04
N SER C 97 41.88 -37.56 -12.07
CA SER C 97 40.64 -36.79 -12.14
C SER C 97 40.83 -35.35 -11.70
N ASN C 98 42.03 -34.97 -11.26
CA ASN C 98 42.30 -33.60 -10.85
C ASN C 98 42.54 -32.72 -12.06
N ALA C 99 42.02 -31.50 -11.99
CA ALA C 99 42.06 -30.57 -13.10
C ALA C 99 43.03 -29.43 -12.81
N VAL C 100 43.57 -28.88 -13.88
CA VAL C 100 44.38 -27.66 -13.82
C VAL C 100 43.69 -26.62 -14.68
N PHE C 101 43.55 -25.40 -14.16
CA PHE C 101 42.88 -24.33 -14.85
C PHE C 101 43.89 -23.38 -15.48
N GLY C 102 43.41 -22.61 -16.48
CA GLY C 102 44.23 -21.54 -17.03
C GLY C 102 44.25 -20.33 -16.14
N SER C 103 45.18 -19.43 -16.46
CA SER C 103 45.30 -18.18 -15.70
C SER C 103 44.17 -17.21 -15.99
N GLY C 104 43.41 -17.43 -17.06
CA GLY C 104 42.25 -16.59 -17.34
C GLY C 104 42.58 -15.45 -18.29
N THR C 105 41.69 -15.20 -19.24
CA THR C 105 41.81 -14.12 -20.20
C THR C 105 40.58 -13.24 -20.09
N THR C 106 40.78 -11.94 -19.90
CA THR C 106 39.68 -10.99 -19.87
C THR C 106 39.48 -10.44 -21.27
N LEU C 107 38.26 -10.58 -21.80
CA LEU C 107 37.91 -10.16 -23.14
C LEU C 107 37.15 -8.85 -23.10
N THR C 108 37.64 -7.87 -23.84
CA THR C 108 36.98 -6.57 -23.98
C THR C 108 36.47 -6.46 -25.42
N VAL C 109 35.19 -6.10 -25.56
CA VAL C 109 34.55 -5.96 -26.87
C VAL C 109 34.38 -4.49 -27.16
N LEU C 110 35.00 -4.03 -28.23
CA LEU C 110 35.02 -2.62 -28.62
C LEU C 110 34.02 -2.37 -29.73
N GLY C 111 33.66 -1.09 -29.90
CA GLY C 111 32.78 -0.67 -30.98
C GLY C 111 31.44 -0.13 -30.52
N GLN C 112 31.15 -0.18 -29.22
CA GLN C 112 29.92 0.40 -28.71
C GLN C 112 29.97 1.91 -28.80
N PRO C 113 28.81 2.58 -28.78
CA PRO C 113 28.81 4.04 -28.87
C PRO C 113 29.25 4.67 -27.56
N LYS C 114 29.97 5.78 -27.65
CA LYS C 114 30.23 6.57 -26.46
C LYS C 114 28.91 7.04 -25.87
N ALA C 115 28.87 7.14 -24.53
CA ALA C 115 27.65 7.51 -23.83
C ALA C 115 27.98 8.40 -22.64
N ALA C 116 27.16 9.44 -22.46
CA ALA C 116 27.34 10.38 -21.38
C ALA C 116 26.70 9.84 -20.10
N PRO C 117 27.29 10.13 -18.95
CA PRO C 117 26.73 9.59 -17.70
C PRO C 117 25.41 10.24 -17.32
N SER C 118 24.50 9.44 -16.82
CA SER C 118 23.35 9.95 -16.08
C SER C 118 23.78 10.07 -14.62
N VAL C 119 23.52 11.22 -14.02
CA VAL C 119 23.96 11.52 -12.66
C VAL C 119 22.73 11.75 -11.79
N THR C 120 22.66 11.07 -10.67
CA THR C 120 21.68 11.33 -9.62
C THR C 120 22.43 11.68 -8.35
N LEU C 121 22.07 12.80 -7.75
CA LEU C 121 22.66 13.20 -6.48
C LEU C 121 21.56 13.26 -5.43
N PHE C 122 21.73 12.47 -4.37
CA PHE C 122 20.78 12.44 -3.27
C PHE C 122 21.33 13.18 -2.06
N PRO C 123 20.52 14.00 -1.40
CA PRO C 123 20.96 14.63 -0.14
C PRO C 123 20.87 13.65 1.01
N PRO C 124 21.35 14.03 2.20
CA PRO C 124 21.16 13.16 3.36
C PRO C 124 19.70 12.95 3.65
N SER C 125 19.34 11.69 3.90
CA SER C 125 17.96 11.38 4.28
C SER C 125 17.66 11.95 5.66
N SER C 126 16.42 12.39 5.85
CA SER C 126 15.98 12.80 7.19
C SER C 126 16.33 11.73 8.21
N GLU C 127 16.16 10.45 7.84
CA GLU C 127 16.45 9.37 8.78
C GLU C 127 17.91 9.40 9.20
N GLU C 128 18.82 9.60 8.25
CA GLU C 128 20.24 9.60 8.59
C GLU C 128 20.60 10.83 9.42
N LEU C 129 20.03 11.98 9.07
CA LEU C 129 20.28 13.18 9.87
C LEU C 129 19.81 12.99 11.32
N GLN C 130 18.68 12.32 11.49
CA GLN C 130 18.16 12.00 12.82
C GLN C 130 18.94 10.91 13.50
N ALA C 131 19.99 10.38 12.85
CA ALA C 131 20.98 9.53 13.45
C ALA C 131 22.31 10.25 13.60
N ASN C 132 22.33 11.57 13.43
CA ASN C 132 23.52 12.40 13.64
C ASN C 132 24.60 12.12 12.58
N LYS C 133 24.18 11.84 11.34
CA LYS C 133 25.12 11.63 10.25
C LYS C 133 24.56 12.26 8.99
N ALA C 134 25.42 12.41 8.00
CA ALA C 134 25.01 13.02 6.73
C ALA C 134 25.92 12.52 5.62
N THR C 135 25.32 11.92 4.60
CA THR C 135 26.03 11.40 3.45
C THR C 135 25.36 11.93 2.19
N LEU C 136 26.14 12.58 1.34
CA LEU C 136 25.72 12.89 -0.02
C LEU C 136 26.10 11.75 -0.94
N VAL C 137 25.18 11.35 -1.81
CA VAL C 137 25.32 10.15 -2.63
C VAL C 137 25.18 10.53 -4.08
N CYS C 138 26.25 10.37 -4.84
CA CYS C 138 26.30 10.74 -6.24
C CYS C 138 26.42 9.45 -7.05
N LEU C 139 25.39 9.11 -7.79
CA LEU C 139 25.30 7.83 -8.49
C LEU C 139 25.42 8.11 -9.99
N ILE C 140 26.40 7.46 -10.62
CA ILE C 140 26.80 7.75 -12.01
C ILE C 140 26.63 6.47 -12.80
N SER C 141 25.81 6.53 -13.85
CA SER C 141 25.44 5.33 -14.60
C SER C 141 25.47 5.57 -16.11
N ASP C 142 25.44 4.45 -16.84
CA ASP C 142 25.14 4.43 -18.27
C ASP C 142 26.13 5.24 -19.10
N PHE C 143 27.40 5.19 -18.73
CA PHE C 143 28.41 5.89 -19.49
C PHE C 143 29.41 4.92 -20.12
N TYR C 144 30.03 5.37 -21.22
CA TYR C 144 31.05 4.61 -21.94
C TYR C 144 31.89 5.59 -22.72
N PRO C 145 33.24 5.48 -22.71
CA PRO C 145 34.05 4.44 -22.04
C PRO C 145 34.03 4.55 -20.52
N GLY C 146 34.87 3.75 -19.85
CA GLY C 146 34.80 3.62 -18.40
C GLY C 146 35.76 4.51 -17.64
N ALA C 147 35.82 5.79 -17.99
CA ALA C 147 36.67 6.75 -17.32
C ALA C 147 35.84 7.98 -16.99
N VAL C 148 35.71 8.28 -15.70
CA VAL C 148 35.07 9.52 -15.25
C VAL C 148 35.88 10.07 -14.09
N THR C 149 35.87 11.40 -13.96
CA THR C 149 36.40 12.08 -12.78
C THR C 149 35.24 12.76 -12.06
N VAL C 150 35.29 12.78 -10.73
CA VAL C 150 34.20 13.32 -9.92
C VAL C 150 34.76 14.41 -9.03
N ALA C 151 34.08 15.56 -9.01
CA ALA C 151 34.47 16.68 -8.17
C ALA C 151 33.25 17.13 -7.39
N TRP C 152 33.49 17.61 -6.17
CA TRP C 152 32.45 18.05 -5.27
C TRP C 152 32.67 19.51 -4.93
N LYS C 153 31.58 20.24 -4.79
CA LYS C 153 31.61 21.65 -4.42
C LYS C 153 30.67 21.88 -3.24
N ALA C 154 31.14 22.64 -2.25
CA ALA C 154 30.29 23.20 -1.21
C ALA C 154 30.04 24.65 -1.58
N ASP C 155 28.77 25.00 -1.86
CA ASP C 155 28.46 26.25 -2.53
C ASP C 155 29.20 26.27 -3.86
N SER C 156 30.29 27.04 -3.94
CA SER C 156 31.14 27.05 -5.13
C SER C 156 32.57 26.64 -4.82
N SER C 157 32.84 26.17 -3.61
CA SER C 157 34.21 25.89 -3.18
C SER C 157 34.54 24.42 -3.29
N PRO C 158 35.68 24.06 -3.88
CA PRO C 158 36.04 22.64 -3.94
C PRO C 158 36.05 22.01 -2.56
N VAL C 159 35.63 20.74 -2.50
CA VAL C 159 35.66 19.95 -1.27
C VAL C 159 36.37 18.64 -1.57
N LYS C 160 37.38 18.31 -0.77
CA LYS C 160 38.09 17.05 -0.89
C LYS C 160 37.99 16.18 0.35
N ALA C 161 37.85 16.77 1.54
CA ALA C 161 37.71 16.00 2.76
C ALA C 161 36.41 15.21 2.71
N GLY C 162 36.49 13.94 3.07
CA GLY C 162 35.32 13.10 3.22
C GLY C 162 34.81 12.48 1.95
N VAL C 163 35.55 12.57 0.84
CA VAL C 163 35.08 12.04 -0.43
C VAL C 163 35.65 10.64 -0.61
N GLU C 164 34.80 9.73 -1.08
CA GLU C 164 35.21 8.37 -1.45
C GLU C 164 34.50 8.02 -2.74
N THR C 165 35.26 7.77 -3.80
CA THR C 165 34.72 7.41 -5.10
C THR C 165 35.22 6.02 -5.49
N THR C 166 34.32 5.18 -5.95
CA THR C 166 34.67 3.84 -6.39
C THR C 166 35.32 3.90 -7.78
N THR C 167 35.98 2.81 -8.15
CA THR C 167 36.47 2.66 -9.52
C THR C 167 35.31 2.24 -10.42
N PRO C 168 35.28 2.73 -11.67
CA PRO C 168 34.19 2.33 -12.56
C PRO C 168 34.14 0.83 -12.76
N SER C 169 32.93 0.32 -13.00
CA SER C 169 32.71 -1.11 -13.20
C SER C 169 31.58 -1.31 -14.19
N LYS C 170 31.64 -2.40 -14.94
CA LYS C 170 30.65 -2.67 -15.97
C LYS C 170 29.32 -3.07 -15.36
N GLN C 171 28.24 -2.66 -16.00
CA GLN C 171 26.89 -3.02 -15.59
C GLN C 171 26.47 -4.30 -16.29
N SER C 172 25.19 -4.68 -16.17
CA SER C 172 24.66 -5.81 -16.93
C SER C 172 24.29 -5.42 -18.36
N ASN C 173 24.14 -4.13 -18.64
CA ASN C 173 23.86 -3.64 -19.98
C ASN C 173 25.12 -3.19 -20.71
N ASN C 174 26.30 -3.55 -20.20
CA ASN C 174 27.60 -3.33 -20.83
C ASN C 174 28.04 -1.88 -20.88
N LYS C 175 27.39 -1.00 -20.12
CA LYS C 175 27.93 0.32 -19.86
C LYS C 175 28.55 0.33 -18.46
N TYR C 176 29.11 1.47 -18.07
CA TYR C 176 29.83 1.57 -16.81
C TYR C 176 29.04 2.34 -15.77
N ALA C 177 29.32 2.02 -14.49
CA ALA C 177 28.71 2.67 -13.35
C ALA C 177 29.78 3.03 -12.33
N ALA C 178 29.55 4.12 -11.60
CA ALA C 178 30.42 4.50 -10.51
C ALA C 178 29.60 5.30 -9.51
N SER C 179 30.15 5.45 -8.31
CA SER C 179 29.48 6.22 -7.26
C SER C 179 30.52 6.97 -6.44
N SER C 180 30.12 8.12 -5.91
CA SER C 180 30.95 8.92 -5.03
C SER C 180 30.12 9.33 -3.83
N TYR C 181 30.74 9.28 -2.66
CA TYR C 181 30.09 9.62 -1.40
C TYR C 181 30.83 10.79 -0.75
N LEU C 182 30.08 11.78 -0.27
CA LEU C 182 30.64 12.88 0.51
C LEU C 182 30.08 12.81 1.90
N SER C 183 30.94 12.62 2.89
CA SER C 183 30.54 12.54 4.28
C SER C 183 30.68 13.91 4.93
N LEU C 184 29.59 14.36 5.54
CA LEU C 184 29.54 15.64 6.24
C LEU C 184 28.93 15.46 7.61
N THR C 185 29.12 16.47 8.48
CA THR C 185 28.31 16.54 9.68
C THR C 185 26.95 17.16 9.36
N PRO C 186 25.92 16.85 10.15
CA PRO C 186 24.63 17.53 9.92
C PRO C 186 24.76 19.04 9.87
N GLU C 187 25.71 19.62 10.61
CA GLU C 187 25.84 21.08 10.64
C GLU C 187 26.44 21.60 9.33
N GLN C 188 27.46 20.91 8.81
CA GLN C 188 28.01 21.29 7.50
C GLN C 188 26.94 21.26 6.43
N TRP C 189 26.15 20.17 6.38
CA TRP C 189 25.08 20.08 5.39
C TRP C 189 24.18 21.31 5.46
N LYS C 190 23.73 21.68 6.66
CA LYS C 190 22.74 22.74 6.79
C LYS C 190 23.35 24.13 6.78
N SER C 191 24.66 24.27 6.95
CA SER C 191 25.25 25.60 7.01
C SER C 191 25.52 26.18 5.62
N HIS C 192 25.66 25.34 4.60
CA HIS C 192 25.82 25.80 3.23
C HIS C 192 24.47 25.85 2.52
N ARG C 193 24.40 26.67 1.48
CA ARG C 193 23.15 26.76 0.74
C ARG C 193 22.98 25.62 -0.26
N SER C 194 24.07 24.94 -0.64
CA SER C 194 23.97 23.80 -1.54
C SER C 194 25.30 23.07 -1.60
N TYR C 195 25.25 21.82 -2.07
CA TYR C 195 26.40 21.03 -2.44
C TYR C 195 26.16 20.50 -3.85
N SER C 196 27.25 20.32 -4.61
CA SER C 196 27.15 19.84 -5.97
C SER C 196 28.12 18.70 -6.25
N CYS C 197 27.69 17.75 -7.08
CA CYS C 197 28.51 16.68 -7.64
C CYS C 197 28.73 16.99 -9.11
N GLN C 198 29.98 16.99 -9.56
CA GLN C 198 30.32 17.32 -10.95
C GLN C 198 31.07 16.17 -11.58
N VAL C 199 30.48 15.57 -12.61
CA VAL C 199 31.02 14.36 -13.23
C VAL C 199 31.56 14.73 -14.61
N THR C 200 32.85 14.51 -14.84
CA THR C 200 33.48 14.81 -16.11
C THR C 200 33.79 13.51 -16.85
N HIS C 201 33.51 13.49 -18.15
CA HIS C 201 33.60 12.28 -18.97
C HIS C 201 33.87 12.73 -20.40
N GLU C 202 35.05 12.41 -20.92
CA GLU C 202 35.41 12.79 -22.30
C GLU C 202 35.43 14.31 -22.47
N GLY C 203 35.87 15.02 -21.44
CA GLY C 203 36.00 16.46 -21.50
C GLY C 203 34.75 17.24 -21.12
N SER C 204 33.57 16.65 -21.26
CA SER C 204 32.32 17.30 -20.88
C SER C 204 31.91 16.90 -19.46
N THR C 205 31.16 17.80 -18.80
CA THR C 205 30.78 17.64 -17.41
C THR C 205 29.27 17.70 -17.25
N VAL C 206 28.79 16.89 -16.30
CA VAL C 206 27.38 16.90 -15.90
C VAL C 206 27.36 17.20 -14.41
N GLU C 207 26.53 18.18 -14.00
CA GLU C 207 26.49 18.65 -12.63
C GLU C 207 25.11 18.46 -12.02
N LYS C 208 25.07 18.06 -10.75
CA LYS C 208 23.83 17.97 -9.98
C LYS C 208 24.04 18.69 -8.65
N THR C 209 22.98 19.34 -8.18
CA THR C 209 23.04 20.17 -6.98
C THR C 209 21.86 19.88 -6.08
N VAL C 210 22.11 19.89 -4.78
CA VAL C 210 21.07 19.67 -3.77
C VAL C 210 21.28 20.68 -2.66
N ALA C 211 20.19 21.02 -1.98
CA ALA C 211 20.19 22.01 -0.90
C ALA C 211 19.34 21.51 0.27
N PRO C 212 19.64 21.95 1.48
CA PRO C 212 18.90 21.43 2.64
C PRO C 212 17.39 21.61 2.54
N THR C 213 16.94 22.76 2.07
CA THR C 213 15.51 23.07 2.05
C THR C 213 14.74 22.07 1.19
N VAL D 2 18.74 -29.66 -13.80
CA VAL D 2 19.87 -29.87 -12.92
C VAL D 2 20.22 -28.53 -12.27
N GLN D 3 20.25 -28.51 -10.95
CA GLN D 3 20.57 -27.28 -10.21
C GLN D 3 21.45 -27.63 -9.03
N LEU D 4 22.32 -26.69 -8.66
CA LEU D 4 23.20 -26.84 -7.51
C LEU D 4 23.17 -25.55 -6.70
N ARG D 5 23.14 -25.68 -5.38
CA ARG D 5 23.01 -24.53 -4.48
C ARG D 5 24.04 -24.67 -3.37
N GLU D 6 24.96 -23.71 -3.30
CA GLU D 6 25.95 -23.68 -2.21
C GLU D 6 25.35 -23.01 -0.97
N SER D 7 25.62 -23.58 0.20
CA SER D 7 25.20 -22.99 1.46
C SER D 7 26.36 -23.13 2.46
N GLY D 8 26.34 -22.28 3.48
CA GLY D 8 27.39 -22.27 4.48
C GLY D 8 27.69 -20.87 4.96
N PRO D 9 28.63 -20.75 5.91
CA PRO D 9 28.95 -19.42 6.47
C PRO D 9 29.69 -18.54 5.46
N SER D 10 29.33 -17.26 5.47
CA SER D 10 30.02 -16.29 4.65
C SER D 10 31.31 -15.78 5.30
N LEU D 11 31.46 -15.97 6.61
CA LEU D 11 32.62 -15.48 7.33
C LEU D 11 33.18 -16.60 8.20
N VAL D 12 34.50 -16.81 8.12
CA VAL D 12 35.19 -17.82 8.91
C VAL D 12 36.43 -17.19 9.53
N LYS D 13 36.74 -17.60 10.77
CA LYS D 13 37.93 -17.02 11.41
C LYS D 13 39.19 -17.79 11.02
N PRO D 14 40.35 -17.13 10.99
CA PRO D 14 41.59 -17.85 10.72
C PRO D 14 41.79 -19.01 11.70
N SER D 15 42.37 -20.09 11.20
CA SER D 15 42.67 -21.32 11.91
C SER D 15 41.44 -22.24 12.02
N GLN D 16 40.24 -21.75 11.72
CA GLN D 16 39.07 -22.58 11.84
C GLN D 16 38.86 -23.44 10.58
N THR D 17 37.78 -24.20 10.58
CA THR D 17 37.39 -25.04 9.47
C THR D 17 36.24 -24.39 8.72
N LEU D 18 36.40 -24.22 7.40
CA LEU D 18 35.33 -23.78 6.53
C LEU D 18 34.53 -24.99 6.07
N SER D 19 33.23 -25.00 6.35
CA SER D 19 32.36 -26.11 6.02
C SER D 19 31.24 -25.59 5.12
N LEU D 20 31.22 -26.07 3.88
CA LEU D 20 30.20 -25.70 2.90
C LEU D 20 29.40 -26.93 2.49
N THR D 21 28.18 -26.67 2.01
CA THR D 21 27.30 -27.74 1.56
C THR D 21 26.73 -27.39 0.19
N CYS D 22 26.65 -28.38 -0.67
CA CYS D 22 26.04 -28.24 -1.99
C CYS D 22 24.82 -29.15 -2.03
N THR D 23 23.63 -28.56 -2.10
CA THR D 23 22.39 -29.30 -2.29
C THR D 23 22.05 -29.31 -3.78
N VAL D 24 21.82 -30.50 -4.32
CA VAL D 24 21.56 -30.66 -5.74
C VAL D 24 20.10 -31.01 -5.96
N SER D 25 19.63 -30.74 -7.17
CA SER D 25 18.27 -31.07 -7.57
C SER D 25 18.28 -31.44 -9.04
N GLY D 26 17.23 -32.18 -9.45
CA GLY D 26 17.10 -32.60 -10.82
C GLY D 26 17.92 -33.81 -11.22
N PHE D 27 18.56 -34.46 -10.26
CA PHE D 27 19.30 -35.70 -10.48
C PHE D 27 19.67 -36.28 -9.13
N SER D 28 20.06 -37.56 -9.14
CA SER D 28 20.49 -38.25 -7.93
C SER D 28 22.01 -38.24 -7.83
N LEU D 29 22.51 -37.96 -6.62
CA LEU D 29 23.97 -37.95 -6.44
C LEU D 29 24.58 -39.29 -6.74
N SER D 30 23.82 -40.37 -6.57
CA SER D 30 24.33 -41.71 -6.85
C SER D 30 24.75 -41.86 -8.30
N ASP D 31 24.31 -40.94 -9.18
CA ASP D 31 24.52 -41.09 -10.62
C ASP D 31 25.43 -40.02 -11.23
N LYS D 32 25.88 -39.04 -10.46
CA LYS D 32 26.69 -37.97 -11.01
C LYS D 32 27.77 -37.53 -10.04
N ALA D 33 28.97 -37.35 -10.58
CA ALA D 33 30.08 -36.81 -9.81
C ALA D 33 29.89 -35.32 -9.57
N VAL D 34 30.29 -34.84 -8.40
CA VAL D 34 30.17 -33.43 -8.06
C VAL D 34 31.51 -32.95 -7.54
N GLY D 35 31.89 -31.73 -7.90
CA GLY D 35 33.20 -31.19 -7.57
C GLY D 35 33.11 -29.79 -7.00
N TRP D 36 34.25 -29.32 -6.48
CA TRP D 36 34.34 -28.02 -5.85
C TRP D 36 35.48 -27.25 -6.48
N VAL D 37 35.26 -25.95 -6.69
CA VAL D 37 36.21 -25.05 -7.32
C VAL D 37 36.09 -23.72 -6.59
N ARG D 38 37.19 -22.98 -6.53
CA ARG D 38 37.16 -21.65 -5.95
C ARG D 38 37.92 -20.65 -6.81
N ARG D 39 37.58 -19.38 -6.62
CA ARG D 39 38.27 -18.27 -7.27
C ARG D 39 38.47 -17.15 -6.26
N ALA D 40 39.70 -16.84 -5.96
CA ALA D 40 39.99 -15.71 -5.09
C ALA D 40 39.89 -14.43 -5.90
N PRO D 41 39.49 -13.31 -5.25
CA PRO D 41 39.28 -12.06 -6.01
C PRO D 41 40.48 -11.67 -6.86
N GLY D 42 40.28 -11.61 -8.17
CA GLY D 42 41.36 -11.23 -9.07
C GLY D 42 42.42 -12.29 -9.24
N LYS D 43 42.08 -13.56 -9.09
CA LYS D 43 43.00 -14.67 -9.32
C LYS D 43 42.29 -15.73 -10.15
N ALA D 44 43.02 -16.78 -10.50
CA ALA D 44 42.52 -17.79 -11.42
C ALA D 44 41.72 -18.87 -10.68
N LEU D 45 40.89 -19.57 -11.45
CA LEU D 45 40.13 -20.69 -10.91
C LEU D 45 41.06 -21.75 -10.34
N GLU D 46 40.63 -22.38 -9.25
CA GLU D 46 41.45 -23.37 -8.57
C GLU D 46 40.63 -24.60 -8.25
N TRP D 47 41.06 -25.74 -8.77
CA TRP D 47 40.42 -27.00 -8.46
C TRP D 47 40.66 -27.38 -7.00
N LEU D 48 39.60 -27.81 -6.33
CA LEU D 48 39.71 -28.36 -4.97
C LEU D 48 39.62 -29.88 -4.97
N GLY D 49 38.48 -30.42 -5.44
CA GLY D 49 38.33 -31.86 -5.50
C GLY D 49 36.93 -32.23 -5.94
N SER D 50 36.71 -33.54 -6.02
CA SER D 50 35.42 -34.07 -6.44
C SER D 50 35.18 -35.40 -5.74
N ILE D 51 33.92 -35.81 -5.71
CA ILE D 51 33.51 -37.11 -5.21
C ILE D 51 32.65 -37.77 -6.27
N ASP D 52 32.99 -39.00 -6.62
CA ASP D 52 32.37 -39.66 -7.77
C ASP D 52 31.14 -40.46 -7.34
N THR D 53 30.48 -41.10 -8.31
CA THR D 53 29.22 -41.77 -8.04
C THR D 53 29.35 -42.74 -6.86
N GLY D 54 30.41 -43.54 -6.86
CA GLY D 54 30.64 -44.52 -5.81
C GLY D 54 31.23 -43.99 -4.53
N GLY D 55 31.34 -42.67 -4.38
CA GLY D 55 31.92 -42.06 -3.20
C GLY D 55 33.41 -41.93 -3.19
N MET D 56 34.08 -42.25 -4.28
CA MET D 56 35.53 -42.09 -4.36
C MET D 56 35.90 -40.61 -4.48
N THR D 57 36.87 -40.18 -3.69
CA THR D 57 37.26 -38.77 -3.65
C THR D 57 38.62 -38.55 -4.29
N GLY D 58 38.77 -37.41 -4.96
CA GLY D 58 40.05 -36.96 -5.45
C GLY D 58 40.23 -35.50 -5.15
N TYR D 59 41.48 -35.11 -4.86
CA TYR D 59 41.78 -33.77 -4.39
C TYR D 59 42.96 -33.17 -5.13
N ASN D 60 42.92 -31.86 -5.32
CA ASN D 60 44.08 -31.09 -5.75
C ASN D 60 45.29 -31.49 -4.89
N PRO D 61 46.38 -31.99 -5.50
CA PRO D 61 47.49 -32.50 -4.67
C PRO D 61 48.06 -31.48 -3.70
N GLY D 62 48.16 -30.21 -4.10
CA GLY D 62 48.74 -29.19 -3.24
C GLY D 62 47.85 -28.77 -2.08
N LEU D 63 46.60 -29.19 -2.07
CA LEU D 63 45.67 -28.85 -1.00
C LEU D 63 45.09 -30.08 -0.32
N LYS D 64 45.51 -31.28 -0.71
CA LYS D 64 44.95 -32.51 -0.16
C LYS D 64 45.00 -32.51 1.36
N SER D 65 46.10 -32.01 1.93
CA SER D 65 46.27 -32.11 3.39
C SER D 65 45.28 -31.28 4.19
N ARG D 66 44.47 -30.43 3.53
CA ARG D 66 43.49 -29.61 4.22
C ARG D 66 42.06 -29.83 3.76
N LEU D 67 41.83 -30.71 2.79
CA LEU D 67 40.54 -30.84 2.15
C LEU D 67 39.88 -32.17 2.50
N SER D 68 38.55 -32.14 2.64
CA SER D 68 37.76 -33.35 2.72
C SER D 68 36.42 -33.11 2.04
N ILE D 69 35.98 -34.08 1.25
CA ILE D 69 34.68 -34.04 0.58
C ILE D 69 33.93 -35.33 0.94
N THR D 70 32.68 -35.19 1.35
CA THR D 70 31.79 -36.31 1.64
C THR D 70 30.44 -36.00 1.00
N LYS D 71 29.51 -36.96 1.08
CA LYS D 71 28.19 -36.75 0.52
C LYS D 71 27.16 -37.67 1.17
N ASP D 72 25.90 -37.27 1.06
CA ASP D 72 24.77 -38.05 1.53
C ASP D 72 23.76 -38.13 0.38
N ASN D 73 23.77 -39.25 -0.35
CA ASN D 73 22.90 -39.39 -1.51
C ASN D 73 21.43 -39.17 -1.15
N SER D 74 20.97 -39.71 -0.02
CA SER D 74 19.55 -39.62 0.31
C SER D 74 19.13 -38.19 0.59
N LYS D 75 20.05 -37.33 1.03
CA LYS D 75 19.76 -35.93 1.30
C LYS D 75 20.18 -35.02 0.15
N SER D 76 20.77 -35.57 -0.90
CA SER D 76 21.16 -34.79 -2.08
C SER D 76 22.15 -33.69 -1.72
N GLN D 77 23.02 -33.94 -0.76
CA GLN D 77 23.96 -32.93 -0.28
C GLN D 77 25.39 -33.44 -0.39
N VAL D 78 26.27 -32.58 -0.91
CA VAL D 78 27.71 -32.80 -0.90
C VAL D 78 28.31 -31.78 0.06
N SER D 79 29.34 -32.18 0.79
CA SER D 79 29.97 -31.30 1.77
C SER D 79 31.43 -31.06 1.43
N LEU D 80 31.91 -29.85 1.70
CA LEU D 80 33.31 -29.48 1.57
C LEU D 80 33.78 -28.96 2.93
N SER D 81 34.92 -29.43 3.38
CA SER D 81 35.59 -28.90 4.56
C SER D 81 37.00 -28.47 4.18
N VAL D 82 37.36 -27.24 4.55
CA VAL D 82 38.72 -26.71 4.40
C VAL D 82 39.20 -26.35 5.79
N ASN D 83 40.27 -27.01 6.25
CA ASN D 83 40.70 -26.84 7.62
C ASN D 83 41.81 -25.80 7.73
N SER D 84 41.91 -25.21 8.93
CA SER D 84 42.97 -24.24 9.25
C SER D 84 43.10 -23.15 8.18
N VAL D 85 41.98 -22.45 7.94
CA VAL D 85 41.94 -21.48 6.85
C VAL D 85 42.78 -20.24 7.20
N THR D 86 43.26 -19.58 6.15
CA THR D 86 43.91 -18.28 6.27
C THR D 86 43.22 -17.32 5.31
N THR D 87 43.67 -16.07 5.31
CA THR D 87 43.09 -15.10 4.39
C THR D 87 43.29 -15.50 2.93
N GLU D 88 44.26 -16.38 2.65
CA GLU D 88 44.47 -16.87 1.29
C GLU D 88 43.34 -17.79 0.82
N ASP D 89 42.49 -18.25 1.73
CA ASP D 89 41.34 -19.07 1.41
C ASP D 89 40.07 -18.26 1.20
N SER D 90 40.13 -16.93 1.40
CA SER D 90 39.02 -16.07 1.04
C SER D 90 38.82 -16.19 -0.47
N ALA D 91 37.60 -16.52 -0.87
CA ALA D 91 37.34 -16.71 -2.29
C ALA D 91 35.85 -17.00 -2.48
N THR D 92 35.45 -17.00 -3.75
CA THR D 92 34.14 -17.52 -4.14
C THR D 92 34.30 -19.03 -4.36
N TYR D 93 33.44 -19.81 -3.71
CA TYR D 93 33.46 -21.26 -3.77
C TYR D 93 32.28 -21.75 -4.60
N TYR D 94 32.57 -22.65 -5.55
CA TYR D 94 31.58 -23.21 -6.45
C TYR D 94 31.51 -24.72 -6.27
N CYS D 95 30.31 -25.26 -6.26
CA CYS D 95 30.10 -26.68 -6.51
C CYS D 95 29.58 -26.83 -7.92
N ALA D 96 29.83 -28.00 -8.49
CA ALA D 96 29.47 -28.22 -9.89
C ALA D 96 29.36 -29.72 -10.15
N THR D 97 28.60 -30.06 -11.20
CA THR D 97 28.59 -31.43 -11.69
C THR D 97 29.79 -31.65 -12.61
N VAL D 98 30.37 -32.85 -12.54
CA VAL D 98 31.63 -33.15 -13.21
C VAL D 98 31.45 -34.40 -14.05
N ASP D 99 31.83 -34.31 -15.31
CA ASP D 99 31.90 -35.48 -16.19
C ASP D 99 33.31 -36.03 -16.14
N GLN D 100 33.47 -37.23 -15.58
CA GLN D 100 34.74 -37.94 -15.52
C GLN D 100 34.57 -39.27 -16.25
N LYS D 101 35.45 -39.53 -17.22
CA LYS D 101 35.41 -40.77 -17.98
C LYS D 101 36.82 -41.16 -18.37
N THR D 102 37.21 -42.39 -18.03
CA THR D 102 38.49 -42.95 -18.46
C THR D 102 38.30 -43.56 -19.84
N LYS D 103 38.96 -42.99 -20.85
CA LYS D 103 39.00 -43.56 -22.19
C LYS D 103 40.30 -44.37 -22.31
N ASN D 104 40.17 -45.66 -22.54
CA ASN D 104 41.34 -46.49 -22.76
C ASN D 104 41.94 -46.17 -24.13
N ALA D 105 43.25 -45.95 -24.17
CA ALA D 105 43.91 -45.58 -25.42
C ALA D 105 43.56 -46.56 -26.54
N CYS D 106 43.32 -47.81 -26.21
CA CYS D 106 42.93 -48.81 -27.19
C CYS D 106 41.49 -49.24 -26.94
N PRO D 107 40.68 -49.41 -27.98
CA PRO D 107 39.31 -49.91 -27.78
C PRO D 107 39.34 -51.28 -27.12
N ASP D 108 38.19 -51.68 -26.61
CA ASP D 108 38.00 -53.08 -26.26
C ASP D 108 38.28 -53.94 -27.48
N ASP D 109 38.80 -55.14 -27.25
CA ASP D 109 39.24 -56.10 -28.27
C ASP D 109 40.61 -55.72 -28.81
N PHE D 110 41.27 -54.71 -28.23
CA PHE D 110 42.66 -54.38 -28.53
C PHE D 110 43.48 -54.51 -27.25
N ASP D 111 44.79 -54.63 -27.41
CA ASP D 111 45.75 -54.57 -26.32
C ASP D 111 46.66 -53.38 -26.51
N TYR D 112 46.83 -52.58 -25.47
CA TYR D 112 47.84 -51.53 -25.47
C TYR D 112 49.20 -52.18 -25.26
N ARG D 113 50.11 -51.98 -26.22
CA ARG D 113 51.42 -52.60 -26.17
C ARG D 113 52.48 -51.55 -26.41
N CYS D 114 53.59 -51.67 -25.66
CA CYS D 114 54.77 -50.85 -25.90
C CYS D 114 55.96 -51.68 -26.37
N SER D 115 55.71 -52.93 -26.78
CA SER D 115 56.73 -53.78 -27.39
C SER D 115 56.62 -53.80 -28.92
N CYS D 116 55.79 -52.95 -29.50
CA CYS D 116 55.65 -52.91 -30.95
C CYS D 116 56.80 -52.13 -31.58
N ILE D 117 57.14 -52.49 -32.81
CA ILE D 117 58.22 -51.82 -33.51
C ILE D 117 57.84 -50.35 -33.69
N GLY D 118 58.68 -49.45 -33.19
CA GLY D 118 58.48 -48.03 -33.41
C GLY D 118 57.68 -47.31 -32.37
N GLY D 119 57.34 -47.95 -31.26
CA GLY D 119 56.73 -47.29 -30.13
C GLY D 119 55.53 -48.04 -29.62
N CYS D 120 54.81 -47.40 -28.71
CA CYS D 120 53.61 -47.97 -28.14
C CYS D 120 52.47 -47.90 -29.14
N GLY D 121 51.52 -48.83 -29.01
CA GLY D 121 50.47 -48.92 -29.99
C GLY D 121 49.34 -49.79 -29.49
N CYS D 122 48.36 -49.98 -30.35
CA CYS D 122 47.20 -50.83 -30.09
C CYS D 122 47.23 -52.00 -31.04
N ALA D 123 47.14 -53.20 -30.49
CA ALA D 123 47.20 -54.43 -31.27
C ALA D 123 45.93 -55.24 -31.02
N ARG D 124 45.40 -55.81 -32.11
CA ARG D 124 44.25 -56.70 -32.00
C ARG D 124 44.54 -57.80 -30.99
N LYS D 125 43.56 -58.08 -30.12
CA LYS D 125 43.70 -59.19 -29.19
C LYS D 125 43.88 -60.49 -29.98
N GLY D 126 44.85 -61.28 -29.57
CA GLY D 126 45.25 -62.48 -30.28
C GLY D 126 46.46 -62.32 -31.16
N CYS D 127 46.76 -61.09 -31.58
CA CYS D 127 47.88 -60.85 -32.48
C CYS D 127 49.19 -61.02 -31.71
N VAL D 128 50.07 -61.85 -32.26
CA VAL D 128 51.36 -62.15 -31.64
C VAL D 128 52.45 -61.43 -32.42
N GLY D 129 53.47 -60.98 -31.68
CA GLY D 129 54.64 -60.41 -32.30
C GLY D 129 54.64 -58.91 -32.35
N PRO D 130 55.78 -58.32 -32.68
CA PRO D 130 55.92 -56.85 -32.62
C PRO D 130 55.44 -56.09 -33.84
N LEU D 131 55.02 -56.78 -34.91
CA LEU D 131 54.44 -56.11 -36.06
C LEU D 131 52.93 -55.98 -35.94
N CYS D 132 52.37 -56.17 -34.74
CA CYS D 132 50.94 -56.16 -34.55
C CYS D 132 50.34 -54.77 -34.51
N CYS D 133 51.15 -53.73 -34.30
CA CYS D 133 50.67 -52.36 -34.31
C CYS D 133 50.74 -51.73 -35.70
N ARG D 134 50.66 -52.51 -36.75
CA ARG D 134 50.67 -52.00 -38.12
C ARG D 134 49.28 -52.16 -38.73
N SER D 135 48.99 -51.29 -39.70
CA SER D 135 47.63 -51.23 -40.25
C SER D 135 47.19 -52.56 -40.84
N ASP D 136 48.11 -53.25 -41.52
CA ASP D 136 47.73 -54.48 -42.23
C ASP D 136 47.30 -55.61 -41.28
N LEU D 137 47.68 -55.55 -40.01
CA LEU D 137 47.28 -56.54 -39.02
C LEU D 137 46.19 -56.02 -38.08
N GLY D 138 45.56 -54.90 -38.41
CA GLY D 138 44.50 -54.35 -37.59
C GLY D 138 44.96 -53.48 -36.44
N GLY D 139 46.26 -53.23 -36.32
CA GLY D 139 46.79 -52.43 -35.25
C GLY D 139 47.23 -51.05 -35.72
N TYR D 140 47.75 -50.28 -34.76
CA TYR D 140 48.24 -48.94 -35.05
C TYR D 140 49.12 -48.48 -33.90
N LEU D 141 50.05 -47.58 -34.22
CA LEU D 141 50.84 -46.89 -33.22
C LEU D 141 50.08 -45.67 -32.71
N THR D 142 50.30 -45.34 -31.44
CA THR D 142 49.60 -44.23 -30.83
C THR D 142 50.51 -43.58 -29.79
N ASP D 143 50.46 -42.25 -29.72
CA ASP D 143 51.23 -41.49 -28.75
C ASP D 143 50.41 -41.15 -27.50
N SER D 144 49.26 -41.81 -27.32
CA SER D 144 48.42 -41.56 -26.15
C SER D 144 48.88 -42.43 -24.99
N PRO D 145 48.78 -41.94 -23.76
CA PRO D 145 49.07 -42.80 -22.60
C PRO D 145 48.09 -43.96 -22.54
N ALA D 146 48.47 -45.01 -21.82
CA ALA D 146 47.62 -46.19 -21.72
C ALA D 146 46.20 -45.82 -21.30
N TYR D 147 46.08 -44.83 -20.41
CA TYR D 147 44.77 -44.35 -19.94
C TYR D 147 44.77 -42.83 -20.00
N ILE D 148 43.79 -42.26 -20.70
CA ILE D 148 43.55 -40.84 -20.68
C ILE D 148 42.37 -40.58 -19.76
N TYR D 149 42.17 -39.31 -19.39
CA TYR D 149 41.07 -38.92 -18.51
C TYR D 149 40.29 -37.79 -19.19
N GLU D 150 39.03 -38.07 -19.53
CA GLU D 150 38.12 -37.07 -20.05
C GLU D 150 37.47 -36.38 -18.85
N TRP D 151 37.77 -35.10 -18.67
CA TRP D 151 37.29 -34.32 -17.53
C TRP D 151 36.75 -32.99 -18.02
N TYR D 152 35.62 -32.57 -17.44
CA TYR D 152 35.09 -31.23 -17.65
C TYR D 152 33.93 -31.02 -16.69
N ILE D 153 33.66 -29.76 -16.40
CA ILE D 153 32.53 -29.39 -15.54
C ILE D 153 31.32 -29.13 -16.42
N ASP D 154 30.19 -29.75 -16.09
CA ASP D 154 29.00 -29.64 -16.90
C ASP D 154 28.21 -28.39 -16.53
N LEU D 155 27.69 -28.35 -15.30
CA LEU D 155 26.90 -27.24 -14.78
C LEU D 155 27.48 -26.76 -13.46
N TRP D 156 27.43 -25.45 -13.24
CA TRP D 156 28.02 -24.81 -12.08
C TRP D 156 26.95 -24.21 -11.17
N GLY D 157 27.26 -24.15 -9.88
CA GLY D 157 26.46 -23.36 -8.96
C GLY D 157 26.80 -21.86 -9.08
N GLN D 158 25.96 -21.05 -8.40
CA GLN D 158 26.14 -19.61 -8.44
C GLN D 158 27.39 -19.15 -7.70
N GLY D 159 27.89 -19.95 -6.77
CA GLY D 159 29.08 -19.58 -6.04
C GLY D 159 28.75 -18.87 -4.75
N LEU D 160 29.48 -19.19 -3.68
CA LEU D 160 29.29 -18.58 -2.37
C LEU D 160 30.56 -17.83 -1.99
N LEU D 161 30.43 -16.52 -1.72
CA LEU D 161 31.58 -15.71 -1.33
C LEU D 161 31.89 -15.97 0.15
N VAL D 162 33.13 -16.37 0.43
CA VAL D 162 33.58 -16.71 1.78
C VAL D 162 34.74 -15.79 2.12
N THR D 163 34.63 -15.08 3.24
CA THR D 163 35.68 -14.19 3.72
C THR D 163 36.26 -14.78 4.99
N VAL D 164 37.59 -14.90 5.03
CA VAL D 164 38.32 -15.32 6.22
C VAL D 164 38.82 -14.05 6.91
N SER D 165 38.37 -13.83 8.13
CA SER D 165 38.75 -12.64 8.88
C SER D 165 38.53 -12.87 10.36
N SER D 166 39.34 -12.15 11.16
CA SER D 166 39.19 -12.14 12.60
C SER D 166 38.20 -11.08 13.08
N ALA D 167 37.69 -10.24 12.19
CA ALA D 167 36.72 -9.22 12.54
C ALA D 167 35.31 -9.80 12.53
N SER D 168 34.48 -9.30 13.43
CA SER D 168 33.11 -9.75 13.58
C SER D 168 32.25 -9.19 12.44
N THR D 169 31.11 -9.83 12.21
CA THR D 169 30.17 -9.31 11.22
C THR D 169 29.45 -8.08 11.78
N LYS D 170 29.09 -7.18 10.88
CA LYS D 170 28.25 -6.03 11.23
C LYS D 170 27.18 -5.88 10.16
N GLY D 171 25.93 -5.83 10.58
CA GLY D 171 24.83 -5.61 9.67
C GLY D 171 24.73 -4.16 9.26
N PRO D 172 24.16 -3.90 8.08
CA PRO D 172 24.07 -2.52 7.59
C PRO D 172 22.95 -1.73 8.25
N SER D 173 23.09 -0.40 8.19
CA SER D 173 21.97 0.50 8.37
C SER D 173 21.45 0.86 6.97
N VAL D 174 20.13 0.79 6.78
CA VAL D 174 19.51 1.05 5.50
C VAL D 174 18.74 2.37 5.56
N PHE D 175 19.11 3.31 4.71
CA PHE D 175 18.47 4.61 4.69
C PHE D 175 17.77 4.85 3.37
N PRO D 176 16.51 5.26 3.37
CA PRO D 176 15.82 5.52 2.11
C PRO D 176 16.23 6.87 1.52
N LEU D 177 16.44 6.88 0.19
CA LEU D 177 16.85 8.08 -0.53
C LEU D 177 15.64 8.56 -1.34
N ALA D 178 14.93 9.55 -0.80
CA ALA D 178 13.61 9.91 -1.29
C ALA D 178 13.68 10.66 -2.61
N PRO D 179 12.66 10.52 -3.46
CA PRO D 179 12.61 11.32 -4.69
C PRO D 179 12.24 12.75 -4.38
N SER D 180 13.01 13.68 -4.93
CA SER D 180 12.81 15.11 -4.68
C SER D 180 11.96 15.73 -5.78
N SER D 181 11.28 16.82 -5.43
CA SER D 181 10.41 17.50 -6.39
C SER D 181 11.19 17.96 -7.62
N LYS D 182 12.37 18.55 -7.42
CA LYS D 182 13.17 19.01 -8.54
C LYS D 182 13.67 17.87 -9.42
N SER D 183 13.76 16.66 -8.89
CA SER D 183 14.22 15.51 -9.66
C SER D 183 13.11 14.80 -10.43
N THR D 184 11.85 15.21 -10.23
CA THR D 184 10.70 14.51 -10.79
C THR D 184 10.00 15.29 -11.89
N SER D 185 10.46 16.50 -12.21
CA SER D 185 9.71 17.36 -13.11
C SER D 185 9.62 16.81 -14.53
N GLY D 186 10.51 15.87 -14.91
CA GLY D 186 10.60 15.41 -16.26
C GLY D 186 9.82 14.16 -16.61
N GLY D 187 8.92 13.71 -15.73
CA GLY D 187 8.15 12.52 -15.94
C GLY D 187 8.69 11.29 -15.24
N THR D 188 9.99 11.24 -15.00
CA THR D 188 10.64 10.14 -14.29
C THR D 188 11.16 10.65 -12.95
N ALA D 189 11.31 9.72 -12.02
CA ALA D 189 11.81 10.06 -10.69
C ALA D 189 12.76 8.96 -10.23
N ALA D 190 13.89 9.36 -9.66
CA ALA D 190 14.86 8.44 -9.11
C ALA D 190 14.68 8.38 -7.60
N LEU D 191 14.68 7.16 -7.07
CA LEU D 191 14.72 6.95 -5.62
C LEU D 191 15.70 5.82 -5.35
N GLY D 192 16.20 5.76 -4.12
CA GLY D 192 17.27 4.83 -3.86
C GLY D 192 17.30 4.41 -2.40
N CYS D 193 18.28 3.56 -2.10
CA CYS D 193 18.51 3.09 -0.73
C CYS D 193 20.02 3.11 -0.50
N LEU D 194 20.43 3.72 0.60
CA LEU D 194 21.82 3.72 1.05
C LEU D 194 21.99 2.63 2.08
N VAL D 195 22.89 1.69 1.80
CA VAL D 195 23.20 0.56 2.67
C VAL D 195 24.56 0.83 3.29
N LYS D 196 24.57 1.30 4.54
CA LYS D 196 25.77 1.86 5.14
C LYS D 196 26.39 0.93 6.17
N ASP D 197 27.71 0.81 6.11
CA ASP D 197 28.53 0.31 7.22
C ASP D 197 28.26 -1.14 7.56
N TYR D 198 28.60 -2.05 6.64
CA TYR D 198 28.43 -3.48 6.87
C TYR D 198 29.74 -4.22 6.60
N PHE D 199 29.85 -5.42 7.19
CA PHE D 199 30.99 -6.29 6.95
C PHE D 199 30.56 -7.72 7.22
N PRO D 200 30.99 -8.70 6.40
CA PRO D 200 31.76 -8.56 5.16
C PRO D 200 30.83 -8.40 3.96
N GLU D 201 31.40 -8.41 2.75
CA GLU D 201 30.57 -8.63 1.55
C GLU D 201 29.99 -10.04 1.60
N PRO D 202 28.89 -10.29 0.87
CA PRO D 202 28.17 -9.38 -0.04
C PRO D 202 26.87 -8.88 0.53
N VAL D 203 26.30 -7.87 -0.14
CA VAL D 203 24.93 -7.42 0.10
C VAL D 203 24.19 -7.54 -1.22
N THR D 204 22.93 -7.94 -1.15
CA THR D 204 22.04 -7.97 -2.31
C THR D 204 20.92 -6.96 -2.13
N VAL D 205 20.58 -6.25 -3.18
CA VAL D 205 19.48 -5.31 -3.16
C VAL D 205 18.51 -5.66 -4.28
N SER D 206 17.22 -5.66 -3.97
CA SER D 206 16.16 -5.77 -4.98
C SER D 206 15.15 -4.68 -4.65
N TRP D 207 14.19 -4.49 -5.55
CA TRP D 207 13.13 -3.51 -5.36
C TRP D 207 11.77 -4.19 -5.46
N ASN D 208 10.93 -3.97 -4.45
CA ASN D 208 9.60 -4.56 -4.37
C ASN D 208 9.62 -6.03 -4.74
N SER D 209 10.62 -6.74 -4.19
CA SER D 209 10.74 -8.19 -4.26
C SER D 209 10.93 -8.68 -5.70
N GLY D 210 11.62 -7.88 -6.53
CA GLY D 210 11.85 -8.21 -7.91
C GLY D 210 10.80 -7.75 -8.89
N ALA D 211 9.78 -7.02 -8.43
CA ALA D 211 8.80 -6.46 -9.34
C ALA D 211 9.39 -5.37 -10.21
N LEU D 212 10.37 -4.63 -9.68
CA LEU D 212 11.06 -3.58 -10.43
C LEU D 212 12.46 -4.10 -10.72
N THR D 213 12.77 -4.31 -11.97
CA THR D 213 14.11 -4.74 -12.36
C THR D 213 14.71 -3.90 -13.46
N SER D 214 13.91 -3.48 -14.44
CA SER D 214 14.39 -2.54 -15.44
C SER D 214 14.68 -1.19 -14.77
N GLY D 215 15.81 -0.60 -15.14
CA GLY D 215 16.15 0.68 -14.56
C GLY D 215 16.61 0.63 -13.13
N VAL D 216 16.95 -0.54 -12.61
CA VAL D 216 17.59 -0.68 -11.32
C VAL D 216 19.10 -0.72 -11.54
N HIS D 217 19.82 0.13 -10.80
CA HIS D 217 21.27 0.08 -10.77
C HIS D 217 21.68 -0.06 -9.31
N THR D 218 22.33 -1.18 -8.98
CA THR D 218 22.91 -1.40 -7.65
C THR D 218 24.43 -1.33 -7.80
N PHE D 219 25.06 -0.45 -7.05
CA PHE D 219 26.42 -0.06 -7.31
C PHE D 219 27.41 -0.85 -6.49
N PRO D 220 28.60 -1.09 -7.04
CA PRO D 220 29.67 -1.71 -6.24
C PRO D 220 29.93 -0.92 -4.97
N ALA D 221 30.26 -1.64 -3.92
CA ALA D 221 30.46 -1.03 -2.60
C ALA D 221 31.78 -0.26 -2.54
N VAL D 222 31.83 0.68 -1.61
CA VAL D 222 33.05 1.38 -1.25
C VAL D 222 33.55 0.80 0.07
N LEU D 223 34.86 0.61 0.17
CA LEU D 223 35.51 0.13 1.39
C LEU D 223 36.13 1.32 2.11
N GLN D 224 35.70 1.56 3.34
CA GLN D 224 36.09 2.74 4.09
C GLN D 224 37.34 2.47 4.93
N SER D 225 37.90 3.54 5.47
CA SER D 225 39.08 3.39 6.32
C SER D 225 38.77 2.59 7.57
N SER D 226 37.48 2.59 8.00
CA SER D 226 37.07 1.80 9.14
C SER D 226 37.12 0.31 8.88
N GLY D 227 37.24 -0.11 7.62
CA GLY D 227 37.14 -1.50 7.24
C GLY D 227 35.73 -1.97 6.95
N LEU D 228 34.74 -1.06 6.99
CA LEU D 228 33.36 -1.41 6.68
C LEU D 228 33.02 -0.98 5.26
N TYR D 229 32.04 -1.66 4.69
CA TYR D 229 31.59 -1.39 3.34
C TYR D 229 30.30 -0.59 3.33
N SER D 230 30.09 0.16 2.26
CA SER D 230 28.82 0.82 1.99
C SER D 230 28.52 0.72 0.50
N LEU D 231 27.24 0.63 0.16
CA LEU D 231 26.82 0.70 -1.24
C LEU D 231 25.44 1.33 -1.33
N SER D 232 24.98 1.56 -2.57
CA SER D 232 23.69 2.16 -2.83
C SER D 232 23.01 1.44 -4.00
N SER D 233 21.71 1.56 -4.03
CA SER D 233 20.89 1.10 -5.15
C SER D 233 19.90 2.19 -5.55
N VAL D 234 19.65 2.31 -6.84
CA VAL D 234 18.74 3.33 -7.36
C VAL D 234 17.79 2.67 -8.35
N VAL D 235 16.58 3.21 -8.43
CA VAL D 235 15.59 2.81 -9.43
C VAL D 235 14.82 4.03 -9.90
N THR D 236 14.35 3.99 -11.16
CA THR D 236 13.61 5.09 -11.76
C THR D 236 12.15 4.68 -11.93
N VAL D 237 11.24 5.54 -11.48
CA VAL D 237 9.81 5.25 -11.52
C VAL D 237 9.10 6.42 -12.19
N PRO D 238 7.85 6.21 -12.62
CA PRO D 238 7.04 7.33 -13.12
C PRO D 238 6.77 8.32 -12.01
N SER D 239 7.01 9.60 -12.29
CA SER D 239 6.81 10.62 -11.27
C SER D 239 5.34 10.71 -10.86
N SER D 240 4.43 10.37 -11.77
CA SER D 240 3.01 10.38 -11.44
C SER D 240 2.66 9.32 -10.39
N SER D 241 3.46 8.26 -10.29
CA SER D 241 3.17 7.18 -9.37
C SER D 241 3.56 7.51 -7.94
N LEU D 242 4.38 8.55 -7.72
CA LEU D 242 4.81 8.89 -6.37
C LEU D 242 3.59 9.27 -5.53
N GLY D 243 3.67 8.96 -4.23
CA GLY D 243 2.57 9.26 -3.34
C GLY D 243 1.41 8.30 -3.45
N THR D 244 1.25 7.71 -4.64
CA THR D 244 0.25 6.69 -4.90
C THR D 244 0.80 5.27 -4.77
N GLN D 245 1.98 5.00 -5.30
CA GLN D 245 2.57 3.67 -5.29
C GLN D 245 3.67 3.60 -4.23
N THR D 246 3.75 2.45 -3.54
CA THR D 246 4.67 2.24 -2.43
C THR D 246 5.88 1.47 -2.90
N TYR D 247 7.04 2.11 -2.91
CA TYR D 247 8.28 1.49 -3.36
C TYR D 247 9.11 1.08 -2.17
N ILE D 248 9.73 -0.10 -2.27
CA ILE D 248 10.38 -0.77 -1.15
C ILE D 248 11.68 -1.39 -1.64
N CYS D 249 12.79 -1.08 -0.96
CA CYS D 249 14.06 -1.72 -1.29
C CYS D 249 14.30 -2.87 -0.32
N ASN D 250 14.68 -4.02 -0.86
CA ASN D 250 14.93 -5.23 -0.10
C ASN D 250 16.43 -5.44 -0.02
N VAL D 251 16.98 -5.32 1.18
CA VAL D 251 18.42 -5.46 1.41
C VAL D 251 18.66 -6.72 2.21
N ASN D 252 19.44 -7.63 1.65
CA ASN D 252 19.80 -8.88 2.29
C ASN D 252 21.31 -8.90 2.50
N HIS D 253 21.72 -9.07 3.75
CA HIS D 253 23.11 -9.22 4.14
C HIS D 253 23.23 -10.58 4.83
N LYS D 254 23.39 -11.64 4.03
CA LYS D 254 23.38 -12.99 4.60
C LYS D 254 24.44 -13.21 5.67
N PRO D 255 25.64 -12.60 5.60
CA PRO D 255 26.63 -12.85 6.65
C PRO D 255 26.21 -12.42 8.06
N SER D 256 25.36 -11.40 8.20
CA SER D 256 24.87 -10.99 9.52
C SER D 256 23.43 -11.42 9.77
N ASN D 257 22.87 -12.25 8.89
CA ASN D 257 21.45 -12.57 8.88
C ASN D 257 20.58 -11.32 9.05
N THR D 258 20.93 -10.29 8.28
CA THR D 258 20.14 -9.07 8.21
C THR D 258 19.37 -9.09 6.89
N LYS D 259 18.05 -9.05 6.97
CA LYS D 259 17.20 -8.84 5.81
C LYS D 259 16.15 -7.80 6.18
N VAL D 260 16.18 -6.66 5.48
CA VAL D 260 15.34 -5.51 5.80
C VAL D 260 14.66 -5.04 4.54
N ASP D 261 13.42 -4.59 4.68
CA ASP D 261 12.64 -4.05 3.58
C ASP D 261 12.19 -2.67 4.02
N LYS D 262 12.65 -1.65 3.31
CA LYS D 262 12.47 -0.25 3.70
C LYS D 262 11.60 0.48 2.69
N LYS D 263 10.54 1.12 3.17
CA LYS D 263 9.75 2.01 2.34
C LYS D 263 10.58 3.21 1.96
N VAL D 264 10.57 3.58 0.68
CA VAL D 264 11.24 4.77 0.18
C VAL D 264 10.14 5.70 -0.31
N GLU D 265 9.82 6.72 0.50
CA GLU D 265 8.65 7.56 0.23
C GLU D 265 9.04 8.98 -0.18
N PRO D 266 8.19 9.67 -0.94
CA PRO D 266 8.51 11.04 -1.34
C PRO D 266 8.70 11.96 -0.14
N LYS D 267 9.59 12.93 -0.32
CA LYS D 267 9.89 13.90 0.73
C LYS D 267 8.83 15.01 0.75
#